data_6QPQ
#
_entry.id   6QPQ
#
_cell.length_a   80.752
_cell.length_b   111.130
_cell.length_c   166.195
_cell.angle_alpha   90.000
_cell.angle_beta   90.000
_cell.angle_gamma   90.000
#
_symmetry.space_group_name_H-M   'P 2 21 21'
#
loop_
_entity.id
_entity.type
_entity.pdbx_description
1 polymer 'Structural maintenance of chromosomes protein,Structural maintenance of chromosomes protein'
2 polymer 'Sister chromatid cohesion protein 1'
3 water water
#
loop_
_entity_poly.entity_id
_entity_poly.type
_entity_poly.pdbx_seq_one_letter_code
_entity_poly.pdbx_strand_id
1 'polypeptide(L)'
;MGKLIRLELFNFKSYKGHHTLLFGDSYFTSIIGPNGSGKSNSMDAISFVLGIKSSHLRSSNLRDLIYRGRVMKTSKIQDD
GTTAPATNGDVNGYENGDAGDDEDTSQRTSRNDPKTAWVMAVYEDDAGELHRWKRTITANGTSEYRINDRVVNAQQYNEA
LEKENILIKARNFLVFQGDVEAIASQSPQDLTRLIEQISGSLEYKEEYERLEEEVRQATEEQAYKLQRRRAANSEIKQYM
EQSPGLEVLFMDRLDHVRKQLEQTEQEFEASKAKLRQARESFQAVKQKRLELFNKAFTHIQEQITHVYKELTRSEAYPLG
GQAYLDIEEDTDTPFLSGVKYHAMPPLKRFRDMEHLSGGEKTMAALALLFAIHSYQPSPFFVLDEVDAALDNANVEKIKK
YIREHAGPGMQFIVISLKPALFQASESLIGVYRDQEANTSRTLTLDLRKYRHH
;
A,C
2 'polypeptide(L)'
;MVTENPQRLTVLRLATNKGPLAQIWLASNMSNIPRGSVIQTHIAESAKEIAKASGCDDESGDNEYITLRTSGELLQGIVR
VYSKQATFLLTDIKDTLTKISMLFKTSQKMTSTVNRLNTVTRVHQLMLEDAVTEREVLVTPGLEFLDDTTIPVGLMAQEN
SMERKVQGAAPWDTSLEVGRRFSPDEDFEHNNLSSMNLDFDIEEGPITSKSWEEGTRQSSRNFDTHENYIQDDDFPLDDA
GTIGWDLGITEKNDQNNDDDDNSVEQGRRLGESIMSEEPTDFGFDLDIEKEAPAGNIDTITDAMTESQPKQTGTRRNSKL
LNTKSIQIDEETENSESIASSNTYKEERSNNLLTPQPTNFTTKRLWSEITESMSYLPDPILKNFLSYESLKKRKIHNGRE
GSIEEPELNVSLNLTDDVISNAGTNDNSFNELTDNMSDFVPIDAGLNEAPFPEENIIDAKTRNEQTTIQTEKVRPTPGEV
ASKAIVQMAKILRKELSEEKEVIFTDVLKSQANTEPENITKREASRGFFDILSLATEGCIGLSQTEAFGNIKIDAKPALF
ERFINA
;
B,D
#
# COMPACT_ATOMS: atom_id res chain seq x y z
N GLY A 2 -5.19 -22.01 -5.63
CA GLY A 2 -5.89 -22.41 -6.83
C GLY A 2 -7.05 -21.49 -7.17
N LYS A 3 -8.05 -22.03 -7.86
CA LYS A 3 -9.21 -21.24 -8.21
C LYS A 3 -10.38 -22.18 -8.46
N LEU A 4 -11.59 -21.64 -8.34
CA LEU A 4 -12.79 -22.33 -8.78
C LEU A 4 -12.92 -22.20 -10.29
N ILE A 5 -13.11 -23.31 -10.99
CA ILE A 5 -13.36 -23.27 -12.41
C ILE A 5 -14.84 -23.42 -12.75
N ARG A 6 -15.64 -24.01 -11.86
CA ARG A 6 -17.08 -23.97 -12.05
C ARG A 6 -17.79 -24.45 -10.79
N LEU A 7 -19.05 -24.04 -10.69
CA LEU A 7 -20.02 -24.65 -9.79
C LEU A 7 -21.08 -25.36 -10.64
N GLU A 8 -21.45 -26.56 -10.22
CA GLU A 8 -22.52 -27.32 -10.84
C GLU A 8 -23.67 -27.45 -9.85
N LEU A 9 -24.88 -27.19 -10.31
CA LEU A 9 -26.08 -27.25 -9.49
C LEU A 9 -26.99 -28.36 -10.01
N PHE A 10 -27.86 -28.84 -9.13
CA PHE A 10 -28.84 -29.85 -9.54
C PHE A 10 -30.08 -29.71 -8.68
N ASN A 11 -31.19 -29.31 -9.31
CA ASN A 11 -32.47 -29.10 -8.63
C ASN A 11 -32.33 -28.15 -7.45
N PHE A 12 -31.45 -27.16 -7.57
CA PHE A 12 -31.19 -26.23 -6.48
C PHE A 12 -32.06 -24.99 -6.64
N LYS A 13 -32.97 -24.79 -5.68
CA LYS A 13 -33.86 -23.64 -5.67
C LYS A 13 -34.55 -23.44 -7.01
N SER A 14 -34.22 -22.37 -7.74
CA SER A 14 -34.89 -22.04 -8.98
C SER A 14 -34.31 -22.78 -10.18
N TYR A 15 -33.33 -23.66 -9.98
CA TYR A 15 -32.71 -24.41 -11.06
C TYR A 15 -33.29 -25.82 -11.10
N LYS A 16 -33.93 -26.16 -12.20
CA LYS A 16 -34.46 -27.51 -12.43
C LYS A 16 -33.43 -28.33 -13.20
N GLY A 17 -33.07 -29.48 -12.65
CA GLY A 17 -32.08 -30.29 -13.32
C GLY A 17 -30.68 -29.71 -13.16
N HIS A 18 -29.82 -30.07 -14.10
CA HIS A 18 -28.39 -29.77 -14.02
C HIS A 18 -28.08 -28.45 -14.72
N HIS A 19 -27.34 -27.59 -14.02
CA HIS A 19 -26.88 -26.32 -14.56
C HIS A 19 -25.45 -26.09 -14.11
N THR A 20 -24.76 -25.19 -14.81
CA THR A 20 -23.36 -24.90 -14.52
C THR A 20 -23.17 -23.40 -14.39
N LEU A 21 -22.47 -23.00 -13.33
CA LEU A 21 -21.99 -21.63 -13.16
C LEU A 21 -20.49 -21.66 -13.47
N LEU A 22 -20.14 -21.24 -14.67
CA LEU A 22 -18.81 -21.45 -15.22
C LEU A 22 -17.93 -20.24 -15.01
N PHE A 23 -16.72 -20.46 -14.51
CA PHE A 23 -15.71 -19.42 -14.36
C PHE A 23 -14.51 -19.62 -15.27
N GLY A 24 -14.16 -20.86 -15.58
CA GLY A 24 -13.03 -21.10 -16.48
C GLY A 24 -11.73 -20.63 -15.85
N ASP A 25 -10.91 -19.99 -16.66
CA ASP A 25 -9.66 -19.39 -16.19
C ASP A 25 -9.83 -17.92 -15.85
N SER A 26 -11.08 -17.47 -15.67
CA SER A 26 -11.34 -16.07 -15.34
C SER A 26 -11.07 -15.81 -13.87
N TYR A 27 -10.38 -14.70 -13.58
CA TYR A 27 -10.11 -14.29 -12.22
C TYR A 27 -11.00 -13.13 -11.77
N PHE A 28 -12.00 -12.77 -12.58
CA PHE A 28 -12.97 -11.74 -12.20
C PHE A 28 -14.23 -12.03 -13.02
N THR A 29 -15.17 -12.75 -12.41
CA THR A 29 -16.44 -13.10 -13.02
C THR A 29 -17.55 -12.36 -12.27
N SER A 30 -18.44 -11.72 -13.02
CA SER A 30 -19.64 -11.12 -12.45
C SER A 30 -20.86 -11.96 -12.85
N ILE A 31 -21.74 -12.18 -11.89
CA ILE A 31 -22.99 -12.90 -12.11
C ILE A 31 -24.10 -11.86 -12.16
N ILE A 32 -24.85 -11.85 -13.26
CA ILE A 32 -25.81 -10.78 -13.54
C ILE A 32 -27.10 -11.39 -14.06
N GLY A 33 -28.14 -10.57 -14.08
CA GLY A 33 -29.40 -10.95 -14.67
C GLY A 33 -30.52 -10.05 -14.21
N PRO A 34 -31.63 -10.05 -14.94
CA PRO A 34 -32.79 -9.26 -14.52
C PRO A 34 -33.42 -9.81 -13.25
N ASN A 35 -34.21 -8.95 -12.61
CA ASN A 35 -34.80 -9.32 -11.33
C ASN A 35 -35.67 -10.56 -11.46
N GLY A 36 -35.67 -11.39 -10.43
CA GLY A 36 -36.44 -12.62 -10.45
C GLY A 36 -35.98 -13.61 -11.49
N SER A 37 -34.70 -13.55 -11.87
CA SER A 37 -34.14 -14.51 -12.82
C SER A 37 -33.46 -15.68 -12.14
N GLY A 38 -33.13 -15.55 -10.85
CA GLY A 38 -32.39 -16.56 -10.12
C GLY A 38 -31.00 -16.13 -9.72
N LYS A 39 -30.54 -14.97 -10.20
CA LYS A 39 -29.22 -14.46 -9.84
C LYS A 39 -29.00 -14.52 -8.33
N SER A 40 -29.99 -14.10 -7.55
CA SER A 40 -29.83 -14.08 -6.10
C SER A 40 -29.59 -15.46 -5.50
N ASN A 41 -30.04 -16.52 -6.19
CA ASN A 41 -29.77 -17.87 -5.72
C ASN A 41 -28.32 -18.27 -5.87
N SER A 42 -27.51 -17.46 -6.56
CA SER A 42 -26.09 -17.78 -6.74
C SER A 42 -25.36 -17.75 -5.41
N MET A 43 -25.55 -16.67 -4.63
CA MET A 43 -24.97 -16.63 -3.29
C MET A 43 -25.35 -17.86 -2.50
N ASP A 44 -26.64 -18.21 -2.52
CA ASP A 44 -27.13 -19.37 -1.77
C ASP A 44 -26.35 -20.62 -2.13
N ALA A 45 -26.21 -20.91 -3.43
CA ALA A 45 -25.53 -22.12 -3.86
C ALA A 45 -24.08 -22.14 -3.39
N ILE A 46 -23.40 -20.99 -3.48
CA ILE A 46 -22.00 -20.92 -3.09
C ILE A 46 -21.86 -21.17 -1.59
N SER A 47 -22.62 -20.43 -0.78
CA SER A 47 -22.51 -20.58 0.66
C SER A 47 -23.01 -21.94 1.13
N PHE A 48 -23.93 -22.55 0.38
CA PHE A 48 -24.36 -23.90 0.72
C PHE A 48 -23.24 -24.90 0.51
N VAL A 49 -22.62 -24.90 -0.66
CA VAL A 49 -21.64 -25.94 -0.97
C VAL A 49 -20.37 -25.77 -0.15
N LEU A 50 -20.08 -24.56 0.32
CA LEU A 50 -18.89 -24.35 1.14
C LEU A 50 -19.17 -24.44 2.63
N GLY A 51 -20.43 -24.57 3.05
CA GLY A 51 -20.74 -24.91 4.42
C GLY A 51 -21.16 -23.77 5.34
N ILE A 52 -21.63 -22.65 4.81
CA ILE A 52 -22.07 -21.54 5.65
C ILE A 52 -23.50 -21.80 6.11
N LYS A 53 -23.76 -21.54 7.40
CA LYS A 53 -25.04 -21.88 8.01
C LYS A 53 -26.09 -20.79 7.89
N SER A 54 -25.71 -19.58 7.46
CA SER A 54 -26.66 -18.49 7.41
C SER A 54 -27.55 -18.58 6.17
N ASN A 61 -34.79 -25.41 7.54
CA ASN A 61 -35.06 -24.81 6.25
C ASN A 61 -34.46 -25.62 5.10
N LEU A 62 -33.67 -26.64 5.45
CA LEU A 62 -32.81 -27.28 4.46
C LEU A 62 -33.60 -28.04 3.40
N ARG A 63 -34.83 -28.47 3.71
CA ARG A 63 -35.65 -29.17 2.73
C ARG A 63 -36.12 -28.25 1.62
N ASP A 64 -36.33 -26.96 1.94
CA ASP A 64 -36.94 -26.03 1.01
C ASP A 64 -36.00 -25.59 -0.11
N LEU A 65 -34.72 -25.94 -0.03
CA LEU A 65 -33.79 -25.59 -1.10
C LEU A 65 -33.99 -26.42 -2.36
N ILE A 66 -34.79 -27.48 -2.29
CA ILE A 66 -34.95 -28.38 -3.43
C ILE A 66 -35.97 -27.78 -4.39
N TYR A 67 -35.67 -27.86 -5.69
CA TYR A 67 -36.55 -27.31 -6.70
C TYR A 67 -37.95 -27.91 -6.59
N ARG A 68 -38.95 -27.06 -6.77
CA ARG A 68 -40.35 -27.48 -6.75
C ARG A 68 -41.07 -26.89 -7.94
N GLY A 69 -41.74 -27.75 -8.73
CA GLY A 69 -42.43 -27.28 -9.90
C GLY A 69 -43.59 -26.36 -9.58
N ARG A 70 -44.34 -26.69 -8.54
CA ARG A 70 -45.45 -25.85 -8.10
C ARG A 70 -46.43 -25.58 -9.24
N LYS A 115 -37.06 -36.90 -4.75
CA LYS A 115 -36.61 -35.57 -5.16
C LYS A 115 -35.42 -35.15 -4.31
N THR A 116 -34.30 -34.91 -4.97
CA THR A 116 -33.03 -34.59 -4.32
C THR A 116 -32.42 -33.36 -4.97
N ALA A 117 -31.41 -32.79 -4.32
CA ALA A 117 -30.66 -31.69 -4.89
C ALA A 117 -29.21 -31.75 -4.41
N TRP A 118 -28.32 -31.16 -5.20
CA TRP A 118 -26.93 -31.04 -4.79
C TRP A 118 -26.27 -29.86 -5.51
N VAL A 119 -25.18 -29.39 -4.90
CA VAL A 119 -24.29 -28.40 -5.48
C VAL A 119 -22.87 -28.94 -5.38
N MET A 120 -22.10 -28.77 -6.44
CA MET A 120 -20.71 -29.21 -6.46
C MET A 120 -19.82 -28.05 -6.86
N ALA A 121 -18.79 -27.79 -6.07
CA ALA A 121 -17.73 -26.85 -6.42
C ALA A 121 -16.56 -27.63 -7.02
N VAL A 122 -16.10 -27.19 -8.18
CA VAL A 122 -14.95 -27.80 -8.85
C VAL A 122 -13.80 -26.82 -8.76
N TYR A 123 -12.71 -27.25 -8.12
CA TYR A 123 -11.62 -26.37 -7.73
C TYR A 123 -10.31 -26.96 -8.24
N GLU A 124 -9.49 -26.10 -8.85
CA GLU A 124 -8.21 -26.50 -9.43
C GLU A 124 -7.11 -25.86 -8.61
N ASP A 125 -6.31 -26.68 -7.93
CA ASP A 125 -5.27 -26.15 -7.05
C ASP A 125 -4.07 -25.72 -7.89
N ASP A 126 -3.01 -25.26 -7.21
CA ASP A 126 -1.85 -24.72 -7.90
C ASP A 126 -1.05 -25.77 -8.65
N ALA A 127 -1.35 -27.05 -8.46
CA ALA A 127 -0.54 -28.11 -9.07
C ALA A 127 -0.58 -28.05 -10.60
N GLY A 128 -1.76 -28.18 -11.23
CA GLY A 128 -3.07 -28.07 -10.59
C GLY A 128 -3.99 -29.26 -10.81
N GLU A 129 -4.19 -30.01 -9.72
CA GLU A 129 -5.11 -31.13 -9.68
C GLU A 129 -6.52 -30.64 -9.39
N LEU A 130 -7.50 -31.52 -9.60
CA LEU A 130 -8.90 -31.17 -9.44
C LEU A 130 -9.41 -31.62 -8.08
N HIS A 131 -10.21 -30.77 -7.45
CA HIS A 131 -10.91 -31.09 -6.21
C HIS A 131 -12.41 -30.89 -6.44
N ARG A 132 -13.20 -31.90 -6.09
CA ARG A 132 -14.64 -31.89 -6.32
C ARG A 132 -15.31 -31.96 -4.95
N TRP A 133 -16.01 -30.88 -4.58
CA TRP A 133 -16.66 -30.77 -3.28
C TRP A 133 -18.17 -30.70 -3.52
N LYS A 134 -18.85 -31.80 -3.20
CA LYS A 134 -20.29 -31.92 -3.46
C LYS A 134 -21.04 -32.06 -2.15
N ARG A 135 -22.06 -31.24 -1.98
CA ARG A 135 -23.00 -31.35 -0.87
C ARG A 135 -24.38 -31.66 -1.43
N THR A 136 -25.05 -32.66 -0.85
CA THR A 136 -26.34 -33.13 -1.34
C THR A 136 -27.39 -32.94 -0.26
N ILE A 137 -28.60 -32.60 -0.70
CA ILE A 137 -29.78 -32.57 0.17
C ILE A 137 -30.63 -33.78 -0.20
N THR A 138 -30.76 -34.72 0.74
CA THR A 138 -31.45 -35.97 0.45
C THR A 138 -32.96 -35.82 0.65
N ALA A 139 -33.68 -36.92 0.43
CA ALA A 139 -35.14 -36.91 0.46
C ALA A 139 -35.72 -36.72 1.84
N ASN A 140 -34.91 -36.82 2.91
CA ASN A 140 -35.39 -36.58 4.26
C ASN A 140 -34.83 -35.29 4.85
N GLY A 141 -34.10 -34.50 4.06
CA GLY A 141 -33.63 -33.21 4.52
C GLY A 141 -32.26 -33.20 5.15
N THR A 142 -31.53 -34.30 5.10
CA THR A 142 -30.19 -34.39 5.67
C THR A 142 -29.13 -34.13 4.61
N SER A 143 -27.92 -33.81 5.07
CA SER A 143 -26.83 -33.44 4.17
C SER A 143 -25.88 -34.62 3.99
N GLU A 144 -25.47 -34.87 2.76
CA GLU A 144 -24.38 -35.76 2.44
C GLU A 144 -23.20 -34.94 1.91
N TYR A 145 -22.00 -35.36 2.26
CA TYR A 145 -20.78 -34.68 1.85
C TYR A 145 -19.91 -35.64 1.06
N ARG A 146 -19.38 -35.17 -0.06
CA ARG A 146 -18.48 -35.96 -0.88
C ARG A 146 -17.27 -35.13 -1.27
N ILE A 147 -16.10 -35.77 -1.27
CA ILE A 147 -14.85 -35.16 -1.69
C ILE A 147 -14.25 -36.05 -2.77
N ASN A 148 -14.07 -35.49 -3.97
CA ASN A 148 -13.66 -36.27 -5.13
C ASN A 148 -14.49 -37.54 -5.23
N ASP A 149 -15.82 -37.36 -5.14
CA ASP A 149 -16.81 -38.40 -5.38
C ASP A 149 -16.81 -39.50 -4.33
N ARG A 150 -16.20 -39.26 -3.17
CA ARG A 150 -16.22 -40.22 -2.07
C ARG A 150 -16.93 -39.60 -0.87
N VAL A 151 -17.81 -40.39 -0.26
CA VAL A 151 -18.59 -39.90 0.88
C VAL A 151 -17.68 -39.67 2.07
N VAL A 152 -17.97 -38.60 2.82
CA VAL A 152 -17.22 -38.22 4.01
C VAL A 152 -18.22 -37.55 4.95
N ASN A 153 -17.77 -37.25 6.18
CA ASN A 153 -18.62 -36.55 7.13
C ASN A 153 -18.34 -35.05 7.08
N ALA A 154 -19.19 -34.28 7.75
CA ALA A 154 -19.10 -32.82 7.69
C ALA A 154 -17.74 -32.33 8.12
N GLN A 155 -17.16 -32.90 9.17
CA GLN A 155 -15.86 -32.44 9.64
C GLN A 155 -14.79 -32.66 8.57
N GLN A 156 -14.74 -33.86 7.98
CA GLN A 156 -13.75 -34.13 6.95
C GLN A 156 -13.94 -33.20 5.75
N TYR A 157 -15.17 -32.76 5.51
CA TYR A 157 -15.45 -31.81 4.43
C TYR A 157 -14.78 -30.46 4.71
N ASN A 158 -15.06 -29.88 5.87
CA ASN A 158 -14.44 -28.61 6.23
C ASN A 158 -12.92 -28.69 6.17
N GLU A 159 -12.34 -29.79 6.66
CA GLU A 159 -10.89 -29.92 6.69
C GLU A 159 -10.30 -29.87 5.29
N ALA A 160 -10.94 -30.56 4.33
CA ALA A 160 -10.50 -30.46 2.95
C ALA A 160 -10.51 -29.01 2.47
N LEU A 161 -11.58 -28.27 2.80
CA LEU A 161 -11.66 -26.87 2.44
C LEU A 161 -10.60 -26.04 3.15
N GLU A 162 -10.42 -26.27 4.46
CA GLU A 162 -9.41 -25.52 5.20
C GLU A 162 -8.03 -25.68 4.58
N LYS A 163 -7.73 -26.86 4.04
CA LYS A 163 -6.42 -27.12 3.46
C LYS A 163 -6.13 -26.19 2.28
N GLU A 164 -7.16 -25.64 1.66
CA GLU A 164 -7.01 -24.66 0.59
C GLU A 164 -7.19 -23.24 1.10
N ASN A 165 -7.27 -23.06 2.42
CA ASN A 165 -7.46 -21.76 3.07
C ASN A 165 -8.86 -21.20 2.79
N ILE A 166 -9.83 -22.08 2.70
CA ILE A 166 -11.25 -21.71 2.62
C ILE A 166 -11.79 -21.94 4.03
N LEU A 167 -11.84 -20.87 4.82
CA LEU A 167 -11.97 -20.98 6.28
C LEU A 167 -13.37 -20.55 6.69
N ILE A 168 -14.23 -21.54 6.98
CA ILE A 168 -15.60 -21.25 7.40
C ILE A 168 -15.62 -20.50 8.71
N LYS A 169 -14.69 -20.77 9.62
CA LYS A 169 -14.69 -20.09 10.91
C LYS A 169 -14.41 -18.59 10.75
N ALA A 170 -13.56 -18.22 9.80
CA ALA A 170 -13.25 -16.82 9.54
C ALA A 170 -14.08 -16.23 8.40
N ARG A 171 -14.83 -17.05 7.68
CA ARG A 171 -15.49 -16.66 6.44
C ARG A 171 -14.64 -15.67 5.65
N ASN A 172 -13.42 -16.10 5.35
CA ASN A 172 -12.44 -15.26 4.70
C ASN A 172 -12.62 -15.18 3.19
N PHE A 173 -13.70 -15.75 2.66
CA PHE A 173 -13.88 -15.89 1.22
C PHE A 173 -15.19 -15.30 0.71
N LEU A 174 -15.97 -14.65 1.56
CA LEU A 174 -17.33 -14.27 1.17
C LEU A 174 -17.79 -13.06 1.96
N VAL A 175 -18.36 -12.08 1.27
CA VAL A 175 -18.96 -10.91 1.90
C VAL A 175 -20.43 -10.89 1.50
N PHE A 176 -21.32 -11.16 2.45
CA PHE A 176 -22.74 -10.94 2.22
C PHE A 176 -23.05 -9.44 2.24
N GLN A 177 -24.21 -9.09 1.68
CA GLN A 177 -24.72 -7.73 1.84
C GLN A 177 -24.94 -7.40 3.31
N GLY A 178 -25.48 -8.35 4.08
CA GLY A 178 -25.70 -8.12 5.49
C GLY A 178 -24.44 -7.85 6.28
N ASP A 179 -23.30 -8.36 5.81
CA ASP A 179 -22.03 -8.08 6.49
C ASP A 179 -21.74 -6.59 6.53
N VAL A 180 -22.06 -5.88 5.45
CA VAL A 180 -21.80 -4.44 5.39
C VAL A 180 -22.64 -3.71 6.44
N GLU A 181 -23.94 -4.02 6.49
CA GLU A 181 -24.79 -3.39 7.50
C GLU A 181 -24.32 -3.73 8.90
N ALA A 182 -23.97 -5.00 9.12
CA ALA A 182 -23.51 -5.43 10.45
C ALA A 182 -22.23 -4.71 10.85
N ILE A 183 -21.29 -4.57 9.93
CA ILE A 183 -20.03 -3.90 10.24
C ILE A 183 -20.27 -2.44 10.54
N ALA A 184 -21.11 -1.77 9.74
CA ALA A 184 -21.29 -0.33 9.86
C ALA A 184 -22.09 0.08 11.09
N SER A 185 -22.66 -0.88 11.82
CA SER A 185 -23.47 -0.58 12.99
C SER A 185 -22.98 -1.29 14.25
N GLN A 186 -21.86 -2.01 14.18
CA GLN A 186 -21.40 -2.80 15.31
C GLN A 186 -20.76 -1.91 16.37
N SER A 187 -20.78 -2.41 17.61
CA SER A 187 -20.14 -1.72 18.72
C SER A 187 -18.64 -2.01 18.74
N PRO A 188 -17.87 -1.20 19.46
CA PRO A 188 -16.44 -1.52 19.64
C PRO A 188 -16.21 -2.92 20.19
N GLN A 189 -17.06 -3.40 21.09
CA GLN A 189 -16.88 -4.74 21.64
C GLN A 189 -17.29 -5.80 20.63
N ASP A 190 -18.26 -5.51 19.77
CA ASP A 190 -18.56 -6.41 18.66
C ASP A 190 -17.35 -6.59 17.75
N LEU A 191 -16.62 -5.50 17.50
CA LEU A 191 -15.47 -5.59 16.60
C LEU A 191 -14.35 -6.41 17.23
N THR A 192 -14.10 -6.22 18.53
CA THR A 192 -13.17 -7.09 19.23
C THR A 192 -13.55 -8.55 19.06
N ARG A 193 -14.84 -8.87 19.28
CA ARG A 193 -15.28 -10.25 19.18
C ARG A 193 -15.10 -10.78 17.77
N LEU A 194 -15.35 -9.94 16.76
CA LEU A 194 -15.14 -10.37 15.37
C LEU A 194 -13.68 -10.72 15.13
N ILE A 195 -12.75 -9.89 15.64
CA ILE A 195 -11.33 -10.17 15.45
C ILE A 195 -10.93 -11.42 16.22
N GLU A 196 -11.44 -11.59 17.43
CA GLU A 196 -11.22 -12.84 18.16
C GLU A 196 -11.72 -14.03 17.33
N GLN A 197 -12.90 -13.89 16.73
CA GLN A 197 -13.47 -14.96 15.92
C GLN A 197 -12.56 -15.31 14.75
N ILE A 198 -12.23 -14.33 13.91
CA ILE A 198 -11.44 -14.64 12.71
C ILE A 198 -10.00 -14.99 13.06
N SER A 199 -9.50 -14.52 14.21
CA SER A 199 -8.10 -14.74 14.56
C SER A 199 -7.85 -16.11 15.17
N GLY A 200 -8.89 -16.79 15.64
CA GLY A 200 -8.75 -18.01 16.40
C GLY A 200 -8.71 -17.82 17.90
N SER A 201 -8.47 -16.59 18.39
CA SER A 201 -8.33 -16.37 19.82
C SER A 201 -9.62 -16.61 20.58
N LEU A 202 -10.78 -16.53 19.91
CA LEU A 202 -12.05 -16.70 20.60
C LEU A 202 -12.26 -18.12 21.10
N GLU A 203 -11.61 -19.11 20.47
CA GLU A 203 -11.73 -20.50 20.90
C GLU A 203 -11.08 -20.76 22.25
N TYR A 204 -10.32 -19.80 22.78
CA TYR A 204 -9.71 -19.90 24.09
C TYR A 204 -10.47 -19.13 25.16
N LYS A 205 -11.58 -18.48 24.80
CA LYS A 205 -12.25 -17.58 25.72
C LYS A 205 -12.78 -18.32 26.95
N GLU A 206 -13.45 -19.46 26.74
CA GLU A 206 -14.09 -20.13 27.88
C GLU A 206 -13.04 -20.78 28.78
N GLU A 207 -12.06 -21.46 28.19
CA GLU A 207 -10.92 -21.95 28.95
C GLU A 207 -10.24 -20.81 29.71
N TYR A 208 -10.06 -19.66 29.05
CA TYR A 208 -9.50 -18.48 29.70
C TYR A 208 -10.31 -18.10 30.93
N GLU A 209 -11.63 -18.04 30.80
CA GLU A 209 -12.47 -17.58 31.89
C GLU A 209 -12.62 -18.63 32.99
N ARG A 210 -12.61 -19.91 32.62
CA ARG A 210 -12.62 -20.97 33.63
C ARG A 210 -11.36 -20.91 34.48
N LEU A 211 -10.19 -20.81 33.84
CA LEU A 211 -8.93 -20.83 34.58
C LEU A 211 -8.76 -19.56 35.41
N GLU A 212 -9.24 -18.42 34.92
CA GLU A 212 -9.20 -17.21 35.73
C GLU A 212 -9.99 -17.39 37.03
N GLU A 213 -11.13 -18.09 36.94
CA GLU A 213 -11.93 -18.34 38.14
C GLU A 213 -11.21 -19.28 39.09
N GLU A 214 -10.56 -20.32 38.56
CA GLU A 214 -9.77 -21.21 39.40
C GLU A 214 -8.69 -20.44 40.14
N VAL A 215 -7.98 -19.55 39.45
CA VAL A 215 -6.97 -18.72 40.10
C VAL A 215 -7.60 -17.93 41.24
N ARG A 216 -8.79 -17.36 40.99
CA ARG A 216 -9.43 -16.54 42.03
C ARG A 216 -9.75 -17.37 43.26
N GLN A 217 -10.26 -18.59 43.06
CA GLN A 217 -10.62 -19.44 44.18
C GLN A 217 -9.37 -19.96 44.90
N ALA A 218 -8.45 -20.57 44.14
CA ALA A 218 -7.26 -21.14 44.76
C ALA A 218 -6.45 -20.08 45.49
N THR A 219 -6.55 -18.82 45.08
CA THR A 219 -5.86 -17.75 45.77
C THR A 219 -6.45 -17.56 47.17
N GLU A 220 -7.77 -17.34 47.27
CA GLU A 220 -8.37 -17.15 48.58
C GLU A 220 -8.32 -18.42 49.42
N GLU A 221 -8.22 -19.58 48.77
CA GLU A 221 -8.02 -20.82 49.52
C GLU A 221 -6.62 -20.86 50.14
N GLN A 222 -5.61 -20.40 49.41
CA GLN A 222 -4.27 -20.33 49.98
C GLN A 222 -4.24 -19.39 51.17
N ALA A 223 -4.85 -18.20 51.02
CA ALA A 223 -4.87 -17.24 52.11
C ALA A 223 -5.59 -17.79 53.34
N TYR A 224 -6.65 -18.57 53.11
CA TYR A 224 -7.39 -19.16 54.22
C TYR A 224 -6.56 -20.19 54.97
N LYS A 225 -5.93 -21.11 54.22
CA LYS A 225 -5.10 -22.13 54.85
C LYS A 225 -3.81 -21.55 55.40
N LEU A 226 -3.34 -20.43 54.85
CA LEU A 226 -2.20 -19.75 55.46
C LEU A 226 -2.57 -19.19 56.83
N GLN A 227 -3.78 -18.66 56.98
CA GLN A 227 -4.19 -18.12 58.26
C GLN A 227 -4.43 -19.21 59.29
N ARG A 228 -4.84 -20.40 58.83
CA ARG A 228 -4.94 -21.55 59.74
C ARG A 228 -3.56 -21.93 60.27
N ARG A 229 -2.57 -22.00 59.39
CA ARG A 229 -1.23 -22.35 59.84
C ARG A 229 -0.64 -21.28 60.76
N ARG A 230 -0.97 -20.01 60.52
CA ARG A 230 -0.49 -18.96 61.41
C ARG A 230 -1.14 -19.05 62.78
N ALA A 231 -2.38 -19.54 62.84
CA ALA A 231 -3.04 -19.72 64.13
C ALA A 231 -2.53 -20.97 64.84
N ALA A 232 -2.26 -22.04 64.10
CA ALA A 232 -1.71 -23.25 64.70
C ALA A 232 -0.35 -22.97 65.34
N ASN A 233 0.58 -22.42 64.56
CA ASN A 233 1.90 -22.09 65.10
C ASN A 233 1.81 -21.08 66.23
N SER A 234 0.75 -20.26 66.27
CA SER A 234 0.54 -19.36 67.40
C SER A 234 0.00 -20.13 68.60
N GLU A 235 -0.80 -21.17 68.37
CA GLU A 235 -1.24 -22.02 69.47
C GLU A 235 -0.11 -22.89 70.00
N ILE A 236 0.88 -23.20 69.16
CA ILE A 236 2.04 -23.95 69.61
C ILE A 236 2.82 -23.14 70.63
N LYS A 237 3.01 -21.85 70.39
CA LYS A 237 3.75 -21.01 71.32
C LYS A 237 3.04 -20.93 72.67
N GLN A 238 1.72 -20.87 72.65
CA GLN A 238 0.95 -20.84 73.90
C GLN A 238 0.99 -22.20 74.59
N TYR A 239 0.88 -23.28 73.81
CA TYR A 239 0.88 -24.63 74.38
C TYR A 239 2.25 -25.01 74.93
N MET A 240 3.32 -24.42 74.41
CA MET A 240 4.65 -24.72 74.93
C MET A 240 4.96 -23.95 76.20
N GLU A 241 4.54 -22.68 76.26
CA GLU A 241 4.67 -21.91 77.49
C GLU A 241 3.85 -22.50 78.62
N GLN A 242 2.95 -23.43 78.32
CA GLN A 242 2.24 -24.21 79.32
C GLN A 242 3.15 -25.20 80.05
N SER A 243 4.40 -25.31 79.64
CA SER A 243 5.35 -26.26 80.23
C SER A 243 4.76 -27.66 80.25
N PRO A 244 4.38 -28.22 79.10
CA PRO A 244 3.74 -29.53 79.09
C PRO A 244 4.70 -30.68 79.38
N GLY A 245 6.01 -30.44 79.30
CA GLY A 245 6.96 -31.47 79.69
C GLY A 245 6.75 -31.92 81.12
N LEU A 246 6.45 -30.98 82.02
CA LEU A 246 6.13 -31.34 83.39
C LEU A 246 4.80 -32.08 83.47
N GLU A 247 3.80 -31.62 82.71
CA GLU A 247 2.47 -32.23 82.78
C GLU A 247 2.51 -33.67 82.31
N VAL A 248 3.35 -33.98 81.31
CA VAL A 248 3.47 -35.35 80.82
C VAL A 248 4.42 -36.19 81.63
N LEU A 249 5.10 -35.60 82.63
CA LEU A 249 6.04 -36.34 83.45
C LEU A 249 5.51 -36.68 84.84
N PHE A 250 4.36 -36.14 85.23
CA PHE A 250 3.78 -36.48 86.53
C PHE A 250 2.28 -36.69 86.42
N MET A 251 0.66 -38.10 78.21
CA MET A 251 -0.59 -37.50 77.77
C MET A 251 -0.75 -37.66 76.27
N ASP A 252 -1.83 -38.31 75.85
CA ASP A 252 -2.06 -38.58 74.44
C ASP A 252 -2.53 -37.36 73.66
N ARG A 253 -3.01 -36.32 74.34
CA ARG A 253 -3.45 -35.13 73.61
C ARG A 253 -2.28 -34.46 72.90
N LEU A 254 -1.09 -34.50 73.50
CA LEU A 254 0.09 -33.96 72.82
C LEU A 254 0.25 -34.57 71.43
N ASP A 255 -0.31 -35.75 71.21
CA ASP A 255 -0.32 -36.37 69.89
C ASP A 255 -1.44 -35.83 69.01
N HIS A 256 -2.50 -35.26 69.59
CA HIS A 256 -3.53 -34.62 68.80
C HIS A 256 -2.97 -33.38 68.09
N VAL A 257 -2.25 -32.54 68.83
CA VAL A 257 -1.60 -31.37 68.22
C VAL A 257 -0.54 -31.81 67.24
N ARG A 258 0.07 -32.97 67.46
CA ARG A 258 1.09 -33.47 66.54
C ARG A 258 0.54 -33.62 65.13
N LYS A 259 -0.58 -34.33 65.00
CA LYS A 259 -1.18 -34.58 63.70
C LYS A 259 -2.06 -33.44 63.22
N GLN A 260 -2.59 -32.62 64.13
CA GLN A 260 -3.37 -31.46 63.72
C GLN A 260 -2.47 -30.39 63.11
N LEU A 261 -1.27 -30.20 63.67
CA LEU A 261 -0.32 -29.28 63.05
C LEU A 261 0.25 -29.86 61.76
N GLU A 262 0.57 -31.16 61.77
CA GLU A 262 1.02 -31.81 60.55
C GLU A 262 -0.03 -31.73 59.46
N GLN A 263 -1.31 -31.71 59.83
CA GLN A 263 -2.37 -31.57 58.84
C GLN A 263 -2.42 -30.16 58.26
N THR A 264 -2.39 -29.14 59.13
CA THR A 264 -2.43 -27.76 58.67
C THR A 264 -1.27 -27.47 57.71
N GLU A 265 -0.11 -28.09 57.94
CA GLU A 265 1.02 -27.89 57.05
C GLU A 265 0.75 -28.51 55.68
N GLN A 266 0.31 -29.77 55.67
CA GLN A 266 0.08 -30.46 54.40
C GLN A 266 -1.05 -29.81 53.61
N GLU A 267 -2.08 -29.31 54.31
CA GLU A 267 -3.17 -28.65 53.60
C GLU A 267 -2.71 -27.34 52.96
N PHE A 268 -1.91 -26.55 53.68
CA PHE A 268 -1.44 -25.30 53.09
C PHE A 268 -0.55 -25.57 51.88
N GLU A 269 0.40 -26.51 52.02
CA GLU A 269 1.31 -26.81 50.93
C GLU A 269 0.56 -27.28 49.69
N ALA A 270 -0.61 -27.89 49.89
CA ALA A 270 -1.43 -28.32 48.76
C ALA A 270 -2.15 -27.15 48.11
N SER A 271 -2.65 -26.21 48.93
CA SER A 271 -3.25 -25.01 48.36
C SER A 271 -2.22 -24.18 47.61
N LYS A 272 -0.98 -24.15 48.09
CA LYS A 272 0.08 -23.45 47.39
C LYS A 272 0.33 -24.06 46.02
N ALA A 273 0.49 -25.39 45.98
CA ALA A 273 0.79 -26.05 44.70
C ALA A 273 -0.40 -26.00 43.76
N LYS A 274 -1.63 -26.01 44.30
CA LYS A 274 -2.80 -25.90 43.44
C LYS A 274 -2.91 -24.51 42.83
N LEU A 275 -2.66 -23.48 43.65
CA LEU A 275 -2.66 -22.11 43.12
C LEU A 275 -1.57 -21.95 42.07
N ARG A 276 -0.39 -22.53 42.32
CA ARG A 276 0.69 -22.45 41.34
C ARG A 276 0.27 -23.09 40.02
N GLN A 277 -0.35 -24.26 40.08
CA GLN A 277 -0.77 -24.94 38.86
C GLN A 277 -1.83 -24.13 38.12
N ALA A 278 -2.81 -23.60 38.85
CA ALA A 278 -3.84 -22.78 38.22
C ALA A 278 -3.24 -21.52 37.60
N ARG A 279 -2.30 -20.87 38.32
CA ARG A 279 -1.69 -19.67 37.78
C ARG A 279 -0.95 -19.96 36.48
N GLU A 280 -0.25 -21.11 36.42
CA GLU A 280 0.52 -21.43 35.23
C GLU A 280 -0.38 -21.84 34.08
N SER A 281 -1.43 -22.62 34.36
CA SER A 281 -2.38 -22.97 33.31
C SER A 281 -3.05 -21.72 32.75
N PHE A 282 -3.46 -20.80 33.64
CA PHE A 282 -4.13 -19.59 33.18
C PHE A 282 -3.19 -18.71 32.35
N GLN A 283 -1.94 -18.58 32.78
CA GLN A 283 -1.01 -17.71 32.05
C GLN A 283 -0.71 -18.26 30.67
N ALA A 284 -0.66 -19.58 30.51
CA ALA A 284 -0.41 -20.17 29.21
C ALA A 284 -1.57 -19.90 28.25
N VAL A 285 -2.81 -20.15 28.70
CA VAL A 285 -3.97 -19.87 27.86
C VAL A 285 -4.05 -18.38 27.54
N LYS A 286 -3.83 -17.53 28.55
CA LYS A 286 -3.85 -16.09 28.33
C LYS A 286 -2.84 -15.69 27.27
N GLN A 287 -1.65 -16.29 27.30
CA GLN A 287 -0.61 -15.94 26.35
C GLN A 287 -0.99 -16.36 24.94
N LYS A 288 -1.60 -17.54 24.79
CA LYS A 288 -1.99 -18.01 23.46
C LYS A 288 -3.13 -17.18 22.91
N ARG A 289 -4.11 -16.85 23.75
CA ARG A 289 -5.21 -16.00 23.30
C ARG A 289 -4.71 -14.63 22.87
N LEU A 290 -3.79 -14.05 23.65
CA LEU A 290 -3.21 -12.76 23.29
C LEU A 290 -2.39 -12.87 22.01
N GLU A 291 -1.62 -13.94 21.87
CA GLU A 291 -0.78 -14.11 20.69
C GLU A 291 -1.62 -14.10 19.42
N LEU A 292 -2.66 -14.94 19.37
CA LEU A 292 -3.50 -15.03 18.18
C LEU A 292 -4.18 -13.70 17.89
N PHE A 293 -4.72 -13.07 18.94
CA PHE A 293 -5.42 -11.81 18.74
C PHE A 293 -4.49 -10.72 18.23
N ASN A 294 -3.35 -10.53 18.90
CA ASN A 294 -2.44 -9.45 18.53
C ASN A 294 -1.95 -9.60 17.09
N LYS A 295 -1.71 -10.84 16.66
CA LYS A 295 -1.22 -11.06 15.31
C LYS A 295 -2.24 -10.59 14.28
N ALA A 296 -3.52 -10.91 14.50
CA ALA A 296 -4.57 -10.45 13.61
C ALA A 296 -4.74 -8.93 13.72
N PHE A 297 -4.82 -8.41 14.94
CA PHE A 297 -5.05 -6.98 15.12
C PHE A 297 -3.93 -6.16 14.47
N THR A 298 -2.68 -6.59 14.64
CA THR A 298 -1.56 -5.89 14.04
C THR A 298 -1.70 -5.83 12.52
N HIS A 299 -2.03 -6.97 11.89
CA HIS A 299 -2.19 -6.99 10.44
C HIS A 299 -3.26 -6.02 9.99
N ILE A 300 -4.44 -6.09 10.63
CA ILE A 300 -5.58 -5.32 10.19
C ILE A 300 -5.34 -3.83 10.43
N GLN A 301 -4.73 -3.51 11.56
CA GLN A 301 -4.39 -2.12 11.87
C GLN A 301 -3.43 -1.55 10.83
N GLU A 302 -2.51 -2.36 10.34
CA GLU A 302 -1.55 -1.89 9.33
C GLU A 302 -2.22 -1.73 7.97
N GLN A 303 -3.10 -2.67 7.60
CA GLN A 303 -3.70 -2.66 6.27
C GLN A 303 -4.80 -1.63 6.13
N ILE A 304 -5.56 -1.36 7.18
CA ILE A 304 -6.80 -0.60 7.03
C ILE A 304 -6.52 0.79 6.47
N THR A 305 -5.38 1.39 6.85
CA THR A 305 -5.03 2.70 6.33
C THR A 305 -4.95 2.68 4.81
N HIS A 306 -4.36 1.63 4.25
CA HIS A 306 -4.13 1.58 2.81
C HIS A 306 -5.40 1.23 2.05
N VAL A 307 -6.17 0.26 2.56
CA VAL A 307 -7.37 -0.16 1.87
C VAL A 307 -8.41 0.95 1.83
N TYR A 308 -8.54 1.70 2.92
CA TYR A 308 -9.52 2.77 2.95
C TYR A 308 -9.15 3.90 2.01
N LYS A 309 -7.85 4.20 1.88
CA LYS A 309 -7.41 5.15 0.87
C LYS A 309 -7.80 4.68 -0.53
N GLU A 310 -7.41 3.45 -0.88
CA GLU A 310 -7.71 2.92 -2.21
C GLU A 310 -9.18 3.09 -2.56
N LEU A 311 -10.07 2.88 -1.58
CA LEU A 311 -11.50 2.93 -1.82
C LEU A 311 -12.10 4.34 -1.68
N THR A 312 -11.30 5.34 -1.30
CA THR A 312 -11.79 6.71 -1.26
C THR A 312 -10.96 7.67 -2.13
N ARG A 313 -9.94 7.17 -2.82
CA ARG A 313 -9.22 8.01 -3.77
C ARG A 313 -10.13 8.37 -4.95
N SER A 314 -10.04 9.62 -5.39
CA SER A 314 -10.70 10.04 -6.61
C SER A 314 -9.81 11.07 -7.31
N GLU A 315 -10.16 11.36 -8.56
CA GLU A 315 -9.45 12.40 -9.31
C GLU A 315 -9.44 13.72 -8.55
N ALA A 316 -10.56 14.05 -7.91
CA ALA A 316 -10.65 15.30 -7.17
C ALA A 316 -9.87 15.23 -5.85
N TYR A 317 -9.77 14.04 -5.26
CA TYR A 317 -9.08 13.85 -3.98
C TYR A 317 -8.17 12.64 -4.12
N PRO A 318 -7.02 12.82 -4.79
CA PRO A 318 -6.16 11.66 -5.06
C PRO A 318 -5.47 11.09 -3.82
N LEU A 319 -5.54 11.77 -2.68
CA LEU A 319 -4.99 11.24 -1.44
C LEU A 319 -5.97 10.36 -0.68
N GLY A 320 -7.25 10.37 -1.04
CA GLY A 320 -8.22 9.60 -0.32
C GLY A 320 -8.40 10.09 1.12
N GLY A 321 -9.19 9.31 1.85
CA GLY A 321 -9.47 9.59 3.24
C GLY A 321 -8.48 8.91 4.17
N GLN A 322 -8.80 8.95 5.46
CA GLN A 322 -7.95 8.43 6.51
C GLN A 322 -8.73 7.52 7.44
N ALA A 323 -8.14 6.38 7.78
CA ALA A 323 -8.76 5.43 8.71
C ALA A 323 -7.68 4.85 9.61
N TYR A 324 -8.09 4.45 10.82
CA TYR A 324 -7.19 3.73 11.71
C TYR A 324 -8.00 2.85 12.65
N LEU A 325 -7.32 1.86 13.19
CA LEU A 325 -7.86 0.99 14.23
C LEU A 325 -7.04 1.20 15.51
N ASP A 326 -7.71 1.09 16.66
CA ASP A 326 -7.07 1.39 17.93
C ASP A 326 -7.83 0.68 19.05
N ILE A 327 -7.09 0.24 20.06
CA ILE A 327 -7.72 -0.27 21.27
C ILE A 327 -8.34 0.90 22.03
N GLU A 328 -9.61 0.77 22.39
CA GLU A 328 -10.35 1.90 22.92
C GLU A 328 -9.74 2.42 24.21
N GLU A 329 -9.44 1.52 25.15
CA GLU A 329 -8.94 1.90 26.47
C GLU A 329 -7.57 1.30 26.72
N ASP A 330 -6.84 1.90 27.66
CA ASP A 330 -5.53 1.40 28.03
C ASP A 330 -5.69 0.15 28.88
N THR A 331 -4.96 -0.90 28.52
CA THR A 331 -5.12 -2.20 29.14
C THR A 331 -3.91 -3.05 28.79
N ASP A 332 -3.62 -4.02 29.66
CA ASP A 332 -2.58 -5.01 29.39
C ASP A 332 -3.12 -6.21 28.62
N THR A 333 -4.44 -6.33 28.48
CA THR A 333 -5.08 -7.44 27.78
C THR A 333 -5.99 -6.86 26.71
N PRO A 334 -5.46 -6.55 25.53
CA PRO A 334 -6.28 -5.86 24.52
C PRO A 334 -7.60 -6.54 24.19
N PHE A 335 -7.69 -7.87 24.22
CA PHE A 335 -8.94 -8.50 23.79
C PHE A 335 -10.09 -8.30 24.76
N LEU A 336 -9.85 -7.70 25.93
CA LEU A 336 -10.92 -7.38 26.86
C LEU A 336 -11.45 -5.96 26.67
N SER A 337 -10.86 -5.19 25.77
CA SER A 337 -11.34 -3.85 25.45
C SER A 337 -12.06 -3.87 24.11
N GLY A 338 -12.77 -2.77 23.83
CA GLY A 338 -13.34 -2.58 22.52
C GLY A 338 -12.32 -2.04 21.54
N VAL A 339 -12.56 -2.28 20.26
CA VAL A 339 -11.69 -1.79 19.19
C VAL A 339 -12.36 -0.61 18.52
N LYS A 340 -11.63 0.50 18.43
CA LYS A 340 -12.13 1.71 17.79
C LYS A 340 -11.73 1.70 16.31
N TYR A 341 -12.74 1.75 15.44
CA TYR A 341 -12.53 1.94 14.00
C TYR A 341 -13.00 3.34 13.65
N HIS A 342 -12.08 4.19 13.22
CA HIS A 342 -12.40 5.56 12.81
C HIS A 342 -11.94 5.76 11.38
N ALA A 343 -12.86 6.23 10.53
CA ALA A 343 -12.58 6.48 9.12
C ALA A 343 -13.20 7.80 8.73
N MET A 344 -12.41 8.67 8.11
CA MET A 344 -12.91 9.97 7.67
C MET A 344 -12.68 10.14 6.18
N PRO A 345 -13.74 10.31 5.38
CA PRO A 345 -13.57 10.57 3.94
C PRO A 345 -12.74 11.82 3.72
N PRO A 346 -12.38 12.11 2.46
CA PRO A 346 -11.62 13.34 2.19
C PRO A 346 -12.34 14.58 2.70
N LEU A 347 -11.57 15.47 3.32
CA LEU A 347 -12.07 16.76 3.80
C LEU A 347 -13.23 16.59 4.76
N LYS A 348 -13.12 15.62 5.66
CA LYS A 348 -14.07 15.46 6.75
C LYS A 348 -13.30 15.05 8.00
N ARG A 349 -13.79 15.53 9.16
CA ARG A 349 -13.08 15.31 10.41
C ARG A 349 -13.95 15.66 11.59
N PHE A 350 -14.80 14.72 12.01
CA PHE A 350 -15.50 14.80 13.29
C PHE A 350 -15.31 13.48 14.01
N ARG A 351 -15.50 13.52 15.34
CA ARG A 351 -15.12 12.37 16.16
C ARG A 351 -16.04 11.18 15.96
N ASP A 352 -17.32 11.42 15.67
CA ASP A 352 -18.30 10.35 15.55
C ASP A 352 -18.56 10.03 14.09
N MET A 353 -18.62 8.73 13.77
CA MET A 353 -18.83 8.30 12.40
C MET A 353 -20.30 8.28 11.99
N GLU A 354 -21.22 8.28 12.96
CA GLU A 354 -22.63 8.23 12.61
C GLU A 354 -23.10 9.48 11.87
N HIS A 355 -22.26 10.52 11.80
CA HIS A 355 -22.56 11.69 11.00
C HIS A 355 -22.16 11.51 9.53
N LEU A 356 -21.66 10.35 9.15
CA LEU A 356 -21.31 10.07 7.76
C LEU A 356 -22.55 9.64 6.97
N SER A 357 -22.48 9.81 5.66
CA SER A 357 -23.56 9.38 4.79
C SER A 357 -23.61 7.86 4.71
N GLY A 358 -24.72 7.34 4.18
CA GLY A 358 -24.84 5.90 3.99
C GLY A 358 -23.79 5.35 3.05
N GLY A 359 -23.50 6.09 1.98
CA GLY A 359 -22.44 5.66 1.07
C GLY A 359 -21.08 5.64 1.73
N GLU A 360 -20.76 6.71 2.47
CA GLU A 360 -19.48 6.77 3.16
C GLU A 360 -19.36 5.66 4.20
N LYS A 361 -20.44 5.38 4.91
CA LYS A 361 -20.42 4.28 5.88
C LYS A 361 -20.20 2.94 5.20
N THR A 362 -20.86 2.73 4.05
CA THR A 362 -20.72 1.46 3.34
C THR A 362 -19.27 1.26 2.90
N MET A 363 -18.65 2.29 2.32
CA MET A 363 -17.29 2.16 1.82
C MET A 363 -16.30 1.94 2.97
N ALA A 364 -16.54 2.58 4.12
CA ALA A 364 -15.69 2.31 5.28
C ALA A 364 -15.86 0.87 5.77
N ALA A 365 -17.08 0.35 5.72
CA ALA A 365 -17.32 -1.03 6.13
C ALA A 365 -16.65 -2.01 5.18
N LEU A 366 -16.75 -1.76 3.87
CA LEU A 366 -16.08 -2.64 2.91
C LEU A 366 -14.58 -2.63 3.11
N ALA A 367 -14.00 -1.46 3.40
CA ALA A 367 -12.57 -1.39 3.62
C ALA A 367 -12.16 -2.25 4.81
N LEU A 368 -12.93 -2.20 5.90
CA LEU A 368 -12.62 -3.03 7.06
C LEU A 368 -12.75 -4.51 6.72
N LEU A 369 -13.81 -4.89 5.98
CA LEU A 369 -13.98 -6.30 5.62
C LEU A 369 -12.81 -6.79 4.76
N PHE A 370 -12.39 -5.99 3.78
CA PHE A 370 -11.23 -6.37 2.98
C PHE A 370 -9.99 -6.51 3.84
N ALA A 371 -9.75 -5.53 4.73
CA ALA A 371 -8.56 -5.58 5.58
C ALA A 371 -8.59 -6.79 6.49
N ILE A 372 -9.77 -7.16 7.00
CA ILE A 372 -9.86 -8.33 7.87
C ILE A 372 -9.58 -9.60 7.08
N HIS A 373 -10.21 -9.75 5.93
CA HIS A 373 -10.07 -10.99 5.16
C HIS A 373 -8.70 -11.13 4.54
N SER A 374 -7.92 -10.06 4.45
CA SER A 374 -6.56 -10.15 3.93
C SER A 374 -5.62 -10.83 4.93
N TYR A 375 -6.01 -10.92 6.21
CA TYR A 375 -5.17 -11.59 7.19
C TYR A 375 -4.97 -13.06 6.83
N GLN A 376 -6.03 -13.71 6.34
CA GLN A 376 -5.99 -15.13 5.97
C GLN A 376 -6.50 -15.23 4.54
N PRO A 377 -5.62 -15.01 3.55
CA PRO A 377 -6.08 -14.84 2.16
C PRO A 377 -6.68 -16.11 1.58
N SER A 378 -7.94 -16.02 1.15
CA SER A 378 -8.63 -17.07 0.41
C SER A 378 -8.15 -17.10 -1.04
N PRO A 379 -8.12 -18.28 -1.68
CA PRO A 379 -7.77 -18.30 -3.11
C PRO A 379 -8.81 -17.63 -3.98
N PHE A 380 -10.07 -17.62 -3.57
CA PHE A 380 -11.12 -16.92 -4.29
C PHE A 380 -11.93 -16.09 -3.30
N PHE A 381 -12.70 -15.16 -3.84
CA PHE A 381 -13.37 -14.16 -3.01
C PHE A 381 -14.71 -13.80 -3.64
N VAL A 382 -15.79 -14.05 -2.91
CA VAL A 382 -17.15 -13.89 -3.40
C VAL A 382 -17.75 -12.64 -2.79
N LEU A 383 -18.15 -11.70 -3.63
CA LEU A 383 -18.69 -10.42 -3.19
C LEU A 383 -20.15 -10.32 -3.59
N ASP A 384 -21.03 -10.15 -2.58
CA ASP A 384 -22.46 -9.98 -2.81
C ASP A 384 -22.78 -8.73 -3.61
N GLU A 385 -24.06 -8.51 -3.89
CA GLU A 385 -24.49 -7.40 -4.75
C GLU A 385 -24.45 -6.07 -3.99
N VAL A 386 -23.23 -5.65 -3.63
CA VAL A 386 -23.06 -4.40 -2.91
C VAL A 386 -23.15 -3.17 -3.82
N ASP A 387 -22.91 -3.33 -5.12
CA ASP A 387 -22.97 -2.18 -6.02
C ASP A 387 -24.40 -1.69 -6.24
N ALA A 388 -25.40 -2.49 -5.86
CA ALA A 388 -26.79 -2.08 -6.00
C ALA A 388 -27.05 -0.72 -5.37
N ALA A 389 -26.63 -0.54 -4.11
CA ALA A 389 -26.98 0.65 -3.35
C ALA A 389 -25.99 1.80 -3.51
N LEU A 390 -24.89 1.59 -4.23
CA LEU A 390 -23.81 2.58 -4.28
C LEU A 390 -24.01 3.56 -5.43
N ASP A 391 -23.59 4.80 -5.20
CA ASP A 391 -23.59 5.79 -6.28
C ASP A 391 -22.49 5.44 -7.28
N ASN A 392 -22.51 6.13 -8.42
CA ASN A 392 -21.63 5.76 -9.53
C ASN A 392 -20.17 5.92 -9.15
N ALA A 393 -19.84 6.98 -8.41
CA ALA A 393 -18.45 7.20 -8.01
C ALA A 393 -17.91 6.04 -7.19
N ASN A 394 -18.73 5.52 -6.26
CA ASN A 394 -18.28 4.43 -5.40
C ASN A 394 -18.25 3.11 -6.17
N VAL A 395 -19.21 2.90 -7.07
CA VAL A 395 -19.15 1.72 -7.95
C VAL A 395 -17.85 1.71 -8.72
N GLU A 396 -17.41 2.87 -9.21
CA GLU A 396 -16.15 2.94 -9.95
C GLU A 396 -14.97 2.56 -9.06
N LYS A 397 -14.98 3.01 -7.81
CA LYS A 397 -13.87 2.70 -6.90
C LYS A 397 -13.84 1.21 -6.57
N ILE A 398 -14.99 0.58 -6.37
CA ILE A 398 -15.02 -0.87 -6.19
C ILE A 398 -14.46 -1.56 -7.42
N LYS A 399 -14.89 -1.12 -8.61
CA LYS A 399 -14.37 -1.71 -9.85
C LYS A 399 -12.85 -1.59 -9.91
N LYS A 400 -12.31 -0.41 -9.65
CA LYS A 400 -10.87 -0.22 -9.70
C LYS A 400 -10.16 -1.12 -8.69
N TYR A 401 -10.69 -1.20 -7.47
CA TYR A 401 -10.08 -2.05 -6.46
C TYR A 401 -10.04 -3.51 -6.90
N ILE A 402 -11.15 -4.01 -7.46
CA ILE A 402 -11.19 -5.40 -7.89
C ILE A 402 -10.17 -5.64 -9.00
N ARG A 403 -10.17 -4.79 -10.02
CA ARG A 403 -9.25 -5.01 -11.14
C ARG A 403 -7.81 -4.96 -10.69
N GLU A 404 -7.50 -4.19 -9.64
CA GLU A 404 -6.13 -4.10 -9.16
C GLU A 404 -5.73 -5.27 -8.26
N HIS A 405 -6.66 -6.16 -7.93
CA HIS A 405 -6.36 -7.33 -7.11
C HIS A 405 -6.76 -8.65 -7.74
N ALA A 406 -7.66 -8.66 -8.72
CA ALA A 406 -8.15 -9.91 -9.28
C ALA A 406 -7.08 -10.54 -10.18
N GLY A 407 -6.58 -11.70 -9.77
CA GLY A 407 -5.64 -12.47 -10.54
C GLY A 407 -5.26 -13.73 -9.80
N PRO A 408 -4.24 -14.43 -10.28
CA PRO A 408 -3.79 -15.65 -9.56
C PRO A 408 -3.53 -15.35 -8.09
N GLY A 409 -4.14 -16.16 -7.23
CA GLY A 409 -4.07 -15.97 -5.81
C GLY A 409 -5.27 -15.26 -5.20
N MET A 410 -6.02 -14.50 -6.00
CA MET A 410 -7.27 -13.90 -5.52
C MET A 410 -8.23 -13.81 -6.71
N GLN A 411 -8.99 -14.87 -6.91
CA GLN A 411 -10.09 -14.88 -7.87
C GLN A 411 -11.30 -14.19 -7.27
N PHE A 412 -11.95 -13.33 -8.07
CA PHE A 412 -13.14 -12.60 -7.65
C PHE A 412 -14.37 -13.15 -8.35
N ILE A 413 -15.42 -13.43 -7.58
CA ILE A 413 -16.75 -13.75 -8.10
C ILE A 413 -17.71 -12.72 -7.50
N VAL A 414 -18.34 -11.92 -8.35
CA VAL A 414 -19.12 -10.77 -7.90
C VAL A 414 -20.56 -10.90 -8.42
N ILE A 415 -21.52 -10.71 -7.52
CA ILE A 415 -22.90 -10.48 -7.93
C ILE A 415 -23.04 -8.98 -8.20
N SER A 416 -23.41 -8.62 -9.42
CA SER A 416 -23.36 -7.23 -9.84
C SER A 416 -24.67 -6.80 -10.49
N LEU A 417 -25.21 -5.69 -10.00
CA LEU A 417 -26.38 -5.06 -10.61
C LEU A 417 -26.02 -3.93 -11.56
N LYS A 418 -24.84 -3.34 -11.42
CA LYS A 418 -24.51 -2.10 -12.10
C LYS A 418 -23.59 -2.37 -13.27
N PRO A 419 -23.95 -1.99 -14.49
CA PRO A 419 -23.05 -2.22 -15.63
C PRO A 419 -21.69 -1.58 -15.47
N ALA A 420 -21.62 -0.41 -14.82
CA ALA A 420 -20.32 0.23 -14.59
C ALA A 420 -19.36 -0.72 -13.91
N LEU A 421 -19.86 -1.68 -13.14
CA LEU A 421 -19.01 -2.68 -12.51
C LEU A 421 -18.85 -3.92 -13.39
N PHE A 422 -19.95 -4.56 -13.77
CA PHE A 422 -19.79 -5.87 -14.41
C PHE A 422 -19.32 -5.76 -15.86
N GLN A 423 -19.39 -4.58 -16.48
CA GLN A 423 -18.81 -4.45 -17.81
C GLN A 423 -17.29 -4.49 -17.80
N ALA A 424 -16.67 -4.43 -16.62
CA ALA A 424 -15.22 -4.48 -16.50
C ALA A 424 -14.71 -5.87 -16.12
N SER A 425 -15.59 -6.86 -16.02
CA SER A 425 -15.18 -8.21 -15.62
C SER A 425 -14.33 -8.85 -16.72
N GLU A 426 -13.60 -9.88 -16.33
CA GLU A 426 -12.97 -10.75 -17.31
C GLU A 426 -14.01 -11.63 -18.01
N SER A 427 -15.09 -11.98 -17.30
CA SER A 427 -16.13 -12.82 -17.88
C SER A 427 -17.43 -12.57 -17.12
N LEU A 428 -18.54 -12.97 -17.74
CA LEU A 428 -19.86 -12.78 -17.17
C LEU A 428 -20.61 -14.10 -17.10
N ILE A 429 -21.43 -14.24 -16.07
CA ILE A 429 -22.44 -15.31 -16.00
C ILE A 429 -23.79 -14.61 -15.97
N GLY A 430 -24.58 -14.77 -17.03
CA GLY A 430 -25.93 -14.24 -17.08
C GLY A 430 -26.93 -15.29 -16.66
N VAL A 431 -27.87 -14.88 -15.81
CA VAL A 431 -28.94 -15.75 -15.31
C VAL A 431 -30.26 -15.21 -15.83
N TYR A 432 -31.02 -16.04 -16.53
CA TYR A 432 -32.34 -15.68 -17.00
C TYR A 432 -33.35 -16.75 -16.63
N ARG A 433 -34.62 -16.39 -16.76
CA ARG A 433 -35.73 -17.29 -16.44
C ARG A 433 -36.29 -17.85 -17.75
N ASP A 434 -36.32 -19.18 -17.85
CA ASP A 434 -37.05 -19.86 -18.91
C ASP A 434 -38.44 -20.14 -18.35
N GLN A 435 -39.42 -19.32 -18.74
CA GLN A 435 -40.73 -19.38 -18.09
C GLN A 435 -41.53 -20.61 -18.53
N GLU A 436 -41.38 -21.03 -19.80
CA GLU A 436 -42.09 -22.22 -20.24
C GLU A 436 -41.60 -23.46 -19.50
N ALA A 437 -40.29 -23.57 -19.27
CA ALA A 437 -39.73 -24.69 -18.54
C ALA A 437 -39.72 -24.46 -17.03
N ASN A 438 -40.06 -23.26 -16.58
CA ASN A 438 -40.08 -22.92 -15.16
C ASN A 438 -38.75 -23.26 -14.49
N THR A 439 -37.69 -22.67 -15.03
CA THR A 439 -36.37 -22.85 -14.45
C THR A 439 -35.47 -21.67 -14.78
N SER A 440 -34.48 -21.44 -13.92
CA SER A 440 -33.41 -20.52 -14.23
C SER A 440 -32.40 -21.21 -15.16
N ARG A 441 -31.75 -20.41 -15.99
CA ARG A 441 -30.71 -20.90 -16.88
C ARG A 441 -29.54 -19.92 -16.87
N THR A 442 -28.41 -20.39 -17.40
CA THR A 442 -27.16 -19.62 -17.36
C THR A 442 -26.58 -19.49 -18.76
N LEU A 443 -25.97 -18.33 -19.01
CA LEU A 443 -25.16 -18.09 -20.19
C LEU A 443 -23.85 -17.46 -19.77
N THR A 444 -22.83 -17.63 -20.61
CA THR A 444 -21.52 -17.07 -20.34
C THR A 444 -21.07 -16.19 -21.51
N LEU A 445 -20.22 -15.22 -21.18
CA LEU A 445 -19.62 -14.34 -22.17
C LEU A 445 -18.21 -13.99 -21.71
N ASP A 446 -17.22 -14.24 -22.55
CA ASP A 446 -15.83 -13.91 -22.26
C ASP A 446 -15.58 -12.48 -22.73
N LEU A 447 -15.42 -11.55 -21.78
CA LEU A 447 -15.27 -10.15 -22.12
C LEU A 447 -13.84 -9.77 -22.48
N ARG A 448 -12.86 -10.64 -22.20
CA ARG A 448 -11.48 -10.37 -22.58
C ARG A 448 -11.29 -10.31 -24.09
N LYS A 449 -12.28 -10.78 -24.88
CA LYS A 449 -12.18 -10.70 -26.33
C LYS A 449 -12.39 -9.28 -26.84
N TYR A 450 -13.00 -8.41 -26.05
CA TYR A 450 -13.38 -7.07 -26.48
C TYR A 450 -12.46 -6.03 -25.86
N ARG A 451 -12.44 -4.85 -26.46
CA ARG A 451 -11.50 -3.79 -26.12
C ARG A 451 -12.11 -2.78 -25.16
N HIS A 452 -11.24 -2.00 -24.52
CA HIS A 452 -11.65 -0.96 -23.58
C HIS A 452 -12.15 0.28 -24.34
N HIS A 453 -12.20 1.42 -23.64
CA HIS A 453 -12.63 2.69 -24.22
C HIS A 453 -14.13 2.68 -24.52
N LYS B 483 -35.78 3.26 -24.17
CA LYS B 483 -35.60 2.06 -23.36
C LYS B 483 -34.64 1.10 -24.06
N ALA B 484 -33.64 0.62 -23.32
CA ALA B 484 -32.62 -0.24 -23.92
C ALA B 484 -33.22 -1.51 -24.49
N ILE B 485 -34.16 -2.13 -23.76
CA ILE B 485 -34.76 -3.37 -24.23
C ILE B 485 -35.54 -3.15 -25.52
N VAL B 486 -36.13 -1.96 -25.70
CA VAL B 486 -36.86 -1.67 -26.93
C VAL B 486 -35.91 -1.71 -28.12
N GLN B 487 -34.72 -1.11 -27.97
CA GLN B 487 -33.75 -1.11 -29.06
C GLN B 487 -33.39 -2.53 -29.47
N MET B 488 -33.06 -3.38 -28.50
CA MET B 488 -32.71 -4.76 -28.82
C MET B 488 -33.89 -5.54 -29.39
N ALA B 489 -35.09 -5.28 -28.87
CA ALA B 489 -36.28 -5.98 -29.37
C ALA B 489 -36.49 -5.73 -30.86
N LYS B 490 -36.18 -4.51 -31.33
CA LYS B 490 -36.38 -4.20 -32.74
C LYS B 490 -35.34 -4.90 -33.61
N ILE B 491 -34.09 -4.94 -33.17
CA ILE B 491 -33.03 -5.55 -33.97
C ILE B 491 -33.29 -7.05 -34.13
N LEU B 492 -33.83 -7.68 -33.09
CA LEU B 492 -34.06 -9.12 -33.14
C LEU B 492 -35.24 -9.47 -34.03
N ARG B 493 -36.32 -8.70 -33.96
CA ARG B 493 -37.46 -8.95 -34.83
C ARG B 493 -37.08 -8.86 -36.30
N LYS B 494 -36.11 -8.00 -36.64
CA LYS B 494 -35.67 -7.90 -38.02
C LYS B 494 -34.91 -9.16 -38.44
N GLU B 495 -33.91 -9.55 -37.65
CA GLU B 495 -33.09 -10.70 -38.00
C GLU B 495 -33.88 -12.01 -37.92
N LEU B 496 -34.80 -12.10 -36.97
CA LEU B 496 -35.57 -13.33 -36.76
C LEU B 496 -36.87 -13.37 -37.57
N SER B 497 -37.15 -12.34 -38.38
CA SER B 497 -38.31 -12.40 -39.25
C SER B 497 -38.06 -13.26 -40.48
N GLU B 498 -36.83 -13.27 -40.98
CA GLU B 498 -36.48 -14.14 -42.11
C GLU B 498 -35.94 -15.48 -41.63
N GLU B 499 -34.92 -15.48 -40.78
CA GLU B 499 -34.28 -16.69 -40.31
C GLU B 499 -34.85 -17.12 -38.98
N LYS B 500 -34.72 -18.42 -38.69
CA LYS B 500 -35.22 -18.95 -37.42
C LYS B 500 -34.28 -18.65 -36.26
N GLU B 501 -32.99 -18.52 -36.52
CA GLU B 501 -31.99 -18.30 -35.48
C GLU B 501 -31.00 -17.24 -35.92
N VAL B 502 -30.48 -16.49 -34.94
CA VAL B 502 -29.40 -15.55 -35.16
C VAL B 502 -28.39 -15.69 -34.03
N ILE B 503 -27.12 -15.49 -34.36
CA ILE B 503 -26.02 -15.61 -33.40
C ILE B 503 -25.87 -14.29 -32.68
N PHE B 504 -25.67 -14.36 -31.35
CA PHE B 504 -25.55 -13.16 -30.54
C PHE B 504 -24.50 -12.20 -31.09
N THR B 505 -23.33 -12.72 -31.45
CA THR B 505 -22.27 -11.84 -31.95
C THR B 505 -22.69 -11.12 -33.23
N ASP B 506 -23.60 -11.72 -34.00
CA ASP B 506 -24.12 -11.01 -35.17
C ASP B 506 -25.07 -9.90 -34.75
N VAL B 507 -25.95 -10.17 -33.78
CA VAL B 507 -26.82 -9.13 -33.26
C VAL B 507 -26.00 -7.99 -32.67
N LEU B 508 -24.85 -8.30 -32.09
CA LEU B 508 -24.04 -7.28 -31.43
C LEU B 508 -23.36 -6.38 -32.44
N LYS B 509 -22.91 -6.95 -33.57
CA LYS B 509 -22.34 -6.12 -34.62
C LYS B 509 -23.39 -5.18 -35.21
N SER B 510 -24.63 -5.66 -35.34
CA SER B 510 -25.70 -4.83 -35.86
C SER B 510 -26.02 -3.68 -34.91
N GLN B 511 -26.12 -3.96 -33.61
CA GLN B 511 -26.47 -2.94 -32.65
C GLN B 511 -25.34 -1.95 -32.42
N ALA B 512 -24.09 -2.39 -32.59
CA ALA B 512 -22.95 -1.51 -32.37
C ALA B 512 -22.64 -0.64 -33.57
N ASN B 513 -23.19 -0.95 -34.74
CA ASN B 513 -22.94 -0.17 -35.96
C ASN B 513 -21.45 -0.03 -36.24
N THR B 514 -20.71 -1.11 -36.02
CA THR B 514 -19.29 -1.12 -36.32
C THR B 514 -18.84 -2.55 -36.52
N GLU B 515 -17.59 -2.70 -36.99
CA GLU B 515 -17.03 -4.02 -37.23
C GLU B 515 -16.73 -4.71 -35.89
N PRO B 516 -16.74 -6.05 -35.86
CA PRO B 516 -16.56 -6.74 -34.58
C PRO B 516 -15.23 -6.44 -33.91
N GLU B 517 -14.20 -6.12 -34.69
CA GLU B 517 -12.89 -5.83 -34.10
C GLU B 517 -12.92 -4.62 -33.19
N ASN B 518 -13.92 -3.75 -33.34
CA ASN B 518 -14.01 -2.51 -32.60
C ASN B 518 -15.05 -2.53 -31.48
N ILE B 519 -15.79 -3.62 -31.34
CA ILE B 519 -16.81 -3.69 -30.30
C ILE B 519 -16.15 -3.69 -28.93
N THR B 520 -16.73 -2.94 -28.00
CA THR B 520 -16.14 -2.71 -26.70
C THR B 520 -16.87 -3.52 -25.63
N LYS B 521 -16.16 -3.75 -24.52
CA LYS B 521 -16.74 -4.52 -23.42
C LYS B 521 -18.08 -3.94 -22.98
N ARG B 522 -18.18 -2.61 -22.93
CA ARG B 522 -19.42 -1.98 -22.49
C ARG B 522 -20.58 -2.30 -23.42
N GLU B 523 -20.32 -2.33 -24.74
CA GLU B 523 -21.38 -2.67 -25.69
C GLU B 523 -21.76 -4.14 -25.57
N ALA B 524 -20.78 -5.03 -25.45
CA ALA B 524 -21.08 -6.46 -25.34
C ALA B 524 -21.89 -6.75 -24.09
N SER B 525 -21.57 -6.09 -22.97
CA SER B 525 -22.30 -6.35 -21.74
C SER B 525 -23.72 -5.80 -21.82
N ARG B 526 -23.90 -4.63 -22.42
CA ARG B 526 -25.23 -4.07 -22.58
C ARG B 526 -26.13 -5.04 -23.36
N GLY B 527 -25.65 -5.53 -24.50
CA GLY B 527 -26.44 -6.45 -25.28
C GLY B 527 -26.68 -7.77 -24.57
N PHE B 528 -25.63 -8.32 -23.94
CA PHE B 528 -25.78 -9.55 -23.19
C PHE B 528 -26.88 -9.42 -22.14
N PHE B 529 -26.89 -8.31 -21.40
CA PHE B 529 -27.95 -8.12 -20.42
C PHE B 529 -29.31 -7.95 -21.08
N ASP B 530 -29.34 -7.32 -22.26
CA ASP B 530 -30.62 -7.09 -22.91
C ASP B 530 -31.28 -8.40 -23.36
N ILE B 531 -30.49 -9.35 -23.86
CA ILE B 531 -31.10 -10.61 -24.29
C ILE B 531 -31.56 -11.43 -23.08
N LEU B 532 -30.83 -11.35 -21.95
CA LEU B 532 -31.30 -12.01 -20.74
C LEU B 532 -32.65 -11.44 -20.31
N SER B 533 -32.84 -10.12 -20.48
CA SER B 533 -34.11 -9.50 -20.13
C SER B 533 -35.22 -9.99 -21.05
N LEU B 534 -34.98 -9.95 -22.37
CA LEU B 534 -35.99 -10.40 -23.32
C LEU B 534 -36.35 -11.87 -23.08
N ALA B 535 -35.36 -12.70 -22.72
CA ALA B 535 -35.65 -14.11 -22.45
C ALA B 535 -36.47 -14.27 -21.18
N THR B 536 -36.14 -13.51 -20.13
CA THR B 536 -36.92 -13.59 -18.90
C THR B 536 -38.35 -13.11 -19.12
N GLU B 537 -38.55 -12.18 -20.04
CA GLU B 537 -39.91 -11.75 -20.41
C GLU B 537 -40.61 -12.76 -21.30
N GLY B 538 -39.91 -13.77 -21.81
CA GLY B 538 -40.51 -14.78 -22.65
C GLY B 538 -40.57 -14.44 -24.12
N CYS B 539 -39.77 -13.48 -24.58
CA CYS B 539 -39.84 -13.03 -25.97
C CYS B 539 -38.87 -13.76 -26.89
N ILE B 540 -37.78 -14.31 -26.35
CA ILE B 540 -36.80 -15.03 -27.16
C ILE B 540 -36.36 -16.28 -26.42
N GLY B 541 -35.67 -17.15 -27.16
CA GLY B 541 -35.09 -18.36 -26.59
C GLY B 541 -33.58 -18.32 -26.79
N LEU B 542 -32.86 -18.85 -25.81
CA LEU B 542 -31.41 -18.77 -25.81
C LEU B 542 -30.81 -20.16 -25.68
N SER B 543 -29.79 -20.44 -26.49
CA SER B 543 -29.13 -21.74 -26.50
C SER B 543 -27.63 -21.52 -26.60
N GLN B 544 -26.90 -22.07 -25.64
CA GLN B 544 -25.44 -22.05 -25.65
C GLN B 544 -24.97 -23.40 -25.13
N THR B 545 -24.30 -24.16 -25.99
CA THR B 545 -23.97 -25.54 -25.70
C THR B 545 -22.49 -25.78 -25.44
N GLU B 546 -21.64 -24.77 -25.62
CA GLU B 546 -20.22 -24.87 -25.33
C GLU B 546 -19.83 -23.78 -24.35
N ALA B 547 -18.77 -24.06 -23.57
CA ALA B 547 -18.27 -23.09 -22.61
C ALA B 547 -17.75 -21.85 -23.32
N PHE B 548 -18.34 -20.70 -23.00
CA PHE B 548 -18.00 -19.44 -23.65
C PHE B 548 -18.23 -19.52 -25.16
N GLY B 549 -19.18 -20.39 -25.56
CA GLY B 549 -19.46 -20.60 -26.95
C GLY B 549 -20.49 -19.63 -27.49
N ASN B 550 -20.74 -19.75 -28.79
CA ASN B 550 -21.72 -18.91 -29.47
C ASN B 550 -23.10 -19.07 -28.82
N ILE B 551 -23.82 -17.97 -28.75
CA ILE B 551 -25.18 -17.94 -28.20
C ILE B 551 -26.16 -17.84 -29.37
N LYS B 552 -27.10 -18.78 -29.42
CA LYS B 552 -28.11 -18.82 -30.48
C LYS B 552 -29.43 -18.31 -29.96
N ILE B 553 -30.05 -17.41 -30.71
CA ILE B 553 -31.28 -16.75 -30.30
C ILE B 553 -32.38 -17.11 -31.30
N ASP B 554 -33.54 -17.48 -30.78
CA ASP B 554 -34.71 -17.77 -31.61
C ASP B 554 -35.88 -16.93 -31.09
N ALA B 555 -36.87 -16.74 -31.96
CA ALA B 555 -38.01 -15.89 -31.64
C ALA B 555 -39.12 -16.70 -30.99
N LYS B 556 -39.85 -16.03 -30.12
CA LYS B 556 -41.08 -16.55 -29.53
C LYS B 556 -42.26 -15.74 -30.04
N PRO B 557 -43.49 -16.24 -29.88
CA PRO B 557 -44.64 -15.43 -30.31
C PRO B 557 -44.68 -14.06 -29.67
N ALA B 558 -44.40 -13.98 -28.37
CA ALA B 558 -44.51 -12.72 -27.65
C ALA B 558 -43.52 -11.67 -28.15
N LEU B 559 -42.50 -12.07 -28.92
CA LEU B 559 -41.56 -11.08 -29.44
C LEU B 559 -42.26 -10.06 -30.32
N PHE B 560 -43.24 -10.51 -31.11
CA PHE B 560 -43.96 -9.65 -32.03
C PHE B 560 -45.25 -9.09 -31.44
N GLU B 561 -45.34 -9.05 -30.10
CA GLU B 561 -46.48 -8.46 -29.42
C GLU B 561 -46.07 -7.55 -28.27
N ARG B 562 -44.81 -7.55 -27.87
CA ARG B 562 -44.32 -6.75 -26.76
C ARG B 562 -43.10 -5.96 -27.21
N PHE B 563 -42.81 -4.89 -26.47
CA PHE B 563 -41.63 -4.07 -26.72
C PHE B 563 -41.52 -3.68 -28.20
N GLY C 2 7.07 20.27 7.82
CA GLY C 2 6.66 21.53 7.23
C GLY C 2 6.78 21.56 5.72
N LYS C 3 6.96 22.75 5.15
CA LYS C 3 7.09 22.86 3.70
C LYS C 3 7.85 24.12 3.35
N LEU C 4 8.48 24.09 2.18
CA LEU C 4 9.00 25.29 1.56
C LEU C 4 7.84 26.14 1.04
N ILE C 5 7.74 27.38 1.50
CA ILE C 5 6.72 28.28 0.95
C ILE C 5 7.28 29.14 -0.19
N ARG C 6 8.60 29.34 -0.25
CA ARG C 6 9.18 30.03 -1.39
C ARG C 6 10.69 29.90 -1.36
N LEU C 7 11.29 30.15 -2.52
CA LEU C 7 12.73 30.35 -2.68
C LEU C 7 12.93 31.77 -3.19
N GLU C 8 13.93 32.46 -2.67
CA GLU C 8 14.29 33.79 -3.14
C GLU C 8 15.71 33.74 -3.72
N LEU C 9 15.88 34.39 -4.86
CA LEU C 9 17.15 34.43 -5.57
C LEU C 9 17.61 35.88 -5.72
N PHE C 10 18.92 36.06 -5.84
CA PHE C 10 19.49 37.40 -6.03
C PHE C 10 20.78 37.27 -6.82
N ASN C 11 20.76 37.75 -8.07
CA ASN C 11 21.92 37.72 -8.95
C ASN C 11 22.44 36.30 -9.15
N PHE C 12 21.54 35.32 -9.20
CA PHE C 12 21.94 33.91 -9.28
C PHE C 12 21.79 33.44 -10.73
N LYS C 13 22.93 33.08 -11.34
CA LYS C 13 22.97 32.63 -12.73
C LYS C 13 22.20 33.60 -13.62
N SER C 14 21.17 33.12 -14.30
CA SER C 14 20.45 33.96 -15.27
C SER C 14 19.46 34.93 -14.63
N TYR C 15 19.39 35.00 -13.31
CA TYR C 15 18.44 35.87 -12.62
C TYR C 15 19.17 37.12 -12.15
N LYS C 16 18.86 38.26 -12.77
CA LYS C 16 19.47 39.53 -12.40
C LYS C 16 18.65 40.19 -11.31
N GLY C 17 19.29 40.54 -10.21
CA GLY C 17 18.58 41.13 -9.11
C GLY C 17 17.72 40.10 -8.38
N HIS C 18 16.69 40.60 -7.71
CA HIS C 18 15.88 39.78 -6.81
C HIS C 18 14.72 39.13 -7.55
N HIS C 19 14.55 37.82 -7.35
CA HIS C 19 13.45 37.08 -7.94
C HIS C 19 12.98 36.03 -6.94
N THR C 20 11.74 35.56 -7.15
CA THR C 20 11.11 34.62 -6.24
C THR C 20 10.60 33.40 -7.00
N LEU C 21 10.87 32.22 -6.45
CA LEU C 21 10.20 30.98 -6.84
C LEU C 21 9.19 30.67 -5.75
N LEU C 22 7.92 30.86 -6.04
CA LEU C 22 6.87 30.82 -5.03
C LEU C 22 6.16 29.48 -5.06
N PHE C 23 6.05 28.86 -3.89
CA PHE C 23 5.26 27.65 -3.71
C PHE C 23 4.00 27.89 -2.89
N GLY C 24 4.05 28.79 -1.92
CA GLY C 24 2.87 29.08 -1.13
C GLY C 24 2.44 27.87 -0.35
N ASP C 25 1.12 27.63 -0.31
CA ASP C 25 0.58 26.45 0.35
C ASP C 25 0.35 25.30 -0.64
N SER C 26 1.05 25.30 -1.76
CA SER C 26 0.94 24.23 -2.75
C SER C 26 1.88 23.09 -2.39
N TYR C 27 1.38 21.86 -2.51
CA TYR C 27 2.17 20.66 -2.26
C TYR C 27 2.58 19.94 -3.54
N PHE C 28 2.27 20.50 -4.71
CA PHE C 28 2.70 19.93 -5.98
C PHE C 28 2.85 21.11 -6.94
N THR C 29 4.09 21.59 -7.06
CA THR C 29 4.41 22.72 -7.93
C THR C 29 5.33 22.22 -9.04
N SER C 30 4.99 22.58 -10.28
CA SER C 30 5.84 22.29 -11.43
C SER C 30 6.49 23.59 -11.88
N ILE C 31 7.80 23.54 -12.11
CA ILE C 31 8.54 24.65 -12.69
C ILE C 31 8.72 24.35 -14.18
N ILE C 32 8.23 25.25 -15.03
CA ILE C 32 8.17 25.03 -16.46
C ILE C 32 8.68 26.28 -17.17
N GLY C 33 8.94 26.13 -18.46
CA GLY C 33 9.26 27.25 -19.31
C GLY C 33 9.95 26.81 -20.59
N PRO C 34 9.96 27.69 -21.59
CA PRO C 34 10.58 27.33 -22.87
C PRO C 34 12.09 27.20 -22.73
N ASN C 35 12.70 26.54 -23.71
CA ASN C 35 14.12 26.25 -23.65
C ASN C 35 14.94 27.53 -23.52
N GLY C 36 16.00 27.47 -22.72
CA GLY C 36 16.81 28.63 -22.48
C GLY C 36 16.09 29.78 -21.83
N SER C 37 14.97 29.52 -21.14
CA SER C 37 14.32 30.54 -20.34
C SER C 37 14.98 30.70 -18.98
N GLY C 38 15.69 29.67 -18.50
CA GLY C 38 16.28 29.67 -17.18
C GLY C 38 15.67 28.67 -16.23
N LYS C 39 14.65 27.93 -16.67
CA LYS C 39 14.04 26.88 -15.88
C LYS C 39 15.10 25.93 -15.30
N SER C 40 16.11 25.58 -16.11
CA SER C 40 17.11 24.61 -15.66
C SER C 40 17.93 25.15 -14.50
N ASN C 41 18.12 26.47 -14.42
CA ASN C 41 18.84 27.06 -13.30
C ASN C 41 18.10 26.88 -11.98
N SER C 42 16.85 26.43 -12.02
CA SER C 42 16.09 26.23 -10.78
C SER C 42 16.69 25.14 -9.93
N MET C 43 16.94 23.96 -10.51
CA MET C 43 17.63 22.89 -9.78
C MET C 43 18.91 23.42 -9.14
N ASP C 44 19.69 24.21 -9.88
CA ASP C 44 20.95 24.70 -9.37
C ASP C 44 20.75 25.57 -8.14
N ALA C 45 19.76 26.48 -8.18
CA ALA C 45 19.47 27.29 -7.01
C ALA C 45 19.01 26.43 -5.84
N ILE C 46 18.22 25.39 -6.11
CA ILE C 46 17.73 24.52 -5.05
C ILE C 46 18.87 23.74 -4.41
N SER C 47 19.67 23.06 -5.23
CA SER C 47 20.75 22.25 -4.67
C SER C 47 21.84 23.11 -4.04
N PHE C 48 22.00 24.34 -4.53
CA PHE C 48 22.98 25.24 -3.95
C PHE C 48 22.60 25.63 -2.53
N VAL C 49 21.36 26.11 -2.34
CA VAL C 49 20.97 26.61 -1.03
C VAL C 49 20.86 25.50 0.00
N LEU C 50 20.61 24.27 -0.43
CA LEU C 50 20.46 23.16 0.51
C LEU C 50 21.78 22.47 0.82
N GLY C 51 22.86 22.79 0.11
CA GLY C 51 24.19 22.35 0.48
C GLY C 51 24.77 21.20 -0.32
N ILE C 52 24.14 20.82 -1.44
CA ILE C 52 24.65 19.70 -2.22
C ILE C 52 25.89 20.14 -2.99
N LYS C 53 26.86 19.24 -3.09
CA LYS C 53 28.08 19.49 -3.83
C LYS C 53 27.91 19.10 -5.29
N ASN C 61 34.62 26.49 -9.08
CA ASN C 61 33.48 26.70 -9.97
C ASN C 61 32.42 27.61 -9.34
N LEU C 62 32.64 27.99 -8.07
CA LEU C 62 31.57 28.61 -7.30
C LEU C 62 31.34 30.08 -7.67
N ARG C 63 32.32 30.75 -8.26
CA ARG C 63 32.12 32.15 -8.64
C ARG C 63 31.28 32.30 -9.89
N ASP C 64 31.29 31.30 -10.76
CA ASP C 64 30.60 31.41 -12.04
C ASP C 64 29.09 31.50 -11.88
N LEU C 65 28.56 31.14 -10.71
CA LEU C 65 27.12 31.17 -10.48
C LEU C 65 26.58 32.59 -10.34
N ILE C 66 27.43 33.60 -10.20
CA ILE C 66 26.97 34.97 -10.06
C ILE C 66 26.51 35.49 -11.42
N TYR C 67 25.43 36.25 -11.41
CA TYR C 67 24.91 36.80 -12.66
C TYR C 67 25.96 37.66 -13.34
N ARG C 68 26.03 37.54 -14.67
CA ARG C 68 26.95 38.31 -15.49
C ARG C 68 26.22 38.77 -16.75
N GLY C 69 26.23 40.07 -17.00
CA GLY C 69 25.63 40.61 -18.21
C GLY C 69 26.39 40.23 -19.46
N ASP C 113 28.53 44.79 -13.45
CA ASP C 113 28.44 43.40 -13.04
C ASP C 113 28.29 43.29 -11.53
N PRO C 114 27.34 42.48 -11.07
CA PRO C 114 27.16 42.31 -9.62
C PRO C 114 28.33 41.55 -9.02
N LYS C 115 28.66 41.90 -7.77
CA LYS C 115 29.80 41.31 -7.09
C LYS C 115 29.43 40.13 -6.20
N THR C 116 28.14 39.94 -5.91
CA THR C 116 27.70 38.92 -4.97
C THR C 116 26.39 38.32 -5.47
N ALA C 117 26.04 37.17 -4.90
CA ALA C 117 24.79 36.50 -5.20
C ALA C 117 24.35 35.72 -3.98
N TRP C 118 23.06 35.45 -3.88
CA TRP C 118 22.59 34.57 -2.81
C TRP C 118 21.26 33.94 -3.18
N VAL C 119 20.98 32.84 -2.48
CA VAL C 119 19.73 32.10 -2.55
C VAL C 119 19.27 31.88 -1.12
N MET C 120 17.97 32.04 -0.88
CA MET C 120 17.41 31.82 0.44
C MET C 120 16.19 30.94 0.32
N ALA C 121 16.18 29.85 1.09
CA ALA C 121 15.00 28.99 1.22
C ALA C 121 14.20 29.44 2.43
N VAL C 122 12.90 29.56 2.26
CA VAL C 122 12.00 29.99 3.33
C VAL C 122 11.07 28.82 3.62
N TYR C 123 11.17 28.29 4.84
CA TYR C 123 10.58 27.03 5.23
C TYR C 123 9.70 27.25 6.45
N GLU C 124 8.49 26.74 6.39
CA GLU C 124 7.52 26.88 7.48
C GLU C 124 7.27 25.50 8.07
N ASP C 125 7.61 25.35 9.36
CA ASP C 125 7.44 24.06 10.01
C ASP C 125 6.00 23.89 10.48
N ASP C 126 5.72 22.79 11.15
CA ASP C 126 4.35 22.45 11.51
C ASP C 126 3.77 23.32 12.61
N ALA C 127 4.59 24.17 13.24
CA ALA C 127 4.13 24.98 14.37
C ALA C 127 3.07 26.01 13.94
N GLY C 128 3.37 26.87 12.95
CA GLY C 128 4.56 26.83 12.12
C GLY C 128 5.34 28.13 12.08
N GLU C 129 6.56 28.07 12.60
CA GLU C 129 7.49 29.20 12.57
C GLU C 129 8.27 29.18 11.28
N LEU C 130 8.86 30.34 10.95
CA LEU C 130 9.60 30.50 9.71
C LEU C 130 11.07 30.19 9.91
N HIS C 131 11.64 29.46 8.95
CA HIS C 131 13.07 29.18 8.88
C HIS C 131 13.61 29.79 7.60
N ARG C 132 14.61 30.64 7.72
CA ARG C 132 15.22 31.33 6.58
C ARG C 132 16.65 30.82 6.43
N TRP C 133 16.88 30.00 5.40
CA TRP C 133 18.18 29.40 5.13
C TRP C 133 18.75 30.07 3.88
N LYS C 134 19.76 30.91 4.08
CA LYS C 134 20.36 31.69 3.00
C LYS C 134 21.82 31.33 2.85
N ARG C 135 22.24 31.06 1.62
CA ARG C 135 23.64 30.82 1.27
C ARG C 135 24.08 31.90 0.29
N THR C 136 25.26 32.47 0.54
CA THR C 136 25.74 33.63 -0.20
C THR C 136 27.09 33.32 -0.83
N ILE C 137 27.26 33.73 -2.08
CA ILE C 137 28.53 33.62 -2.77
C ILE C 137 29.22 34.98 -2.65
N THR C 138 30.35 35.02 -1.96
CA THR C 138 31.06 36.26 -1.75
C THR C 138 31.87 36.66 -2.98
N ALA C 139 32.42 37.86 -2.93
CA ALA C 139 33.18 38.39 -4.06
C ALA C 139 34.44 37.57 -4.36
N ASN C 140 34.95 36.83 -3.38
CA ASN C 140 36.12 35.98 -3.58
C ASN C 140 35.75 34.54 -3.91
N GLY C 141 34.46 34.22 -3.98
CA GLY C 141 34.02 32.90 -4.38
C GLY C 141 33.74 31.92 -3.26
N THR C 142 33.81 32.37 -2.02
CA THR C 142 33.58 31.52 -0.86
C THR C 142 32.13 31.66 -0.40
N SER C 143 31.69 30.70 0.39
CA SER C 143 30.30 30.62 0.82
C SER C 143 30.13 31.20 2.22
N GLU C 144 29.03 31.92 2.41
CA GLU C 144 28.56 32.33 3.72
C GLU C 144 27.20 31.67 3.96
N TYR C 145 26.91 31.39 5.23
CA TYR C 145 25.69 30.71 5.62
C TYR C 145 24.99 31.48 6.72
N ARG C 146 23.68 31.60 6.60
CA ARG C 146 22.90 32.27 7.63
C ARG C 146 21.62 31.48 7.90
N ILE C 147 21.26 31.42 9.18
CA ILE C 147 20.02 30.81 9.64
C ILE C 147 19.23 31.91 10.34
N ASN C 148 18.04 32.20 9.83
CA ASN C 148 17.24 33.34 10.30
C ASN C 148 18.12 34.57 10.44
N ASP C 149 18.86 34.87 9.38
CA ASP C 149 19.62 36.10 9.18
C ASP C 149 20.79 36.24 10.14
N ARG C 150 21.18 35.17 10.83
CA ARG C 150 22.37 35.18 11.68
C ARG C 150 23.43 34.27 11.05
N VAL C 151 24.66 34.77 10.95
CA VAL C 151 25.73 34.04 10.31
C VAL C 151 26.07 32.79 11.12
N VAL C 152 26.43 31.72 10.41
CA VAL C 152 26.82 30.46 11.02
C VAL C 152 27.86 29.81 10.10
N ASN C 153 28.40 28.67 10.50
CA ASN C 153 29.31 27.91 9.66
C ASN C 153 28.56 26.82 8.89
N ALA C 154 29.27 26.21 7.94
CA ALA C 154 28.65 25.21 7.09
C ALA C 154 28.04 24.07 7.91
N GLN C 155 28.73 23.62 8.95
CA GLN C 155 28.26 22.49 9.73
C GLN C 155 26.99 22.83 10.50
N GLN C 156 26.93 24.02 11.10
CA GLN C 156 25.71 24.44 11.78
C GLN C 156 24.55 24.60 10.80
N TYR C 157 24.85 25.02 9.57
CA TYR C 157 23.84 25.11 8.52
C TYR C 157 23.25 23.73 8.23
N ASN C 158 24.10 22.75 7.95
CA ASN C 158 23.64 21.41 7.65
C ASN C 158 22.86 20.82 8.82
N GLU C 159 23.30 21.10 10.04
CA GLU C 159 22.60 20.57 11.22
C GLU C 159 21.21 21.18 11.36
N ALA C 160 21.08 22.47 11.07
CA ALA C 160 19.77 23.09 11.04
C ALA C 160 18.85 22.39 10.03
N LEU C 161 19.38 22.12 8.84
CA LEU C 161 18.59 21.40 7.84
C LEU C 161 18.29 19.97 8.31
N GLU C 162 19.27 19.30 8.92
CA GLU C 162 19.04 17.96 9.43
C GLU C 162 17.87 17.92 10.39
N LYS C 163 17.74 18.94 11.25
CA LYS C 163 16.69 18.95 12.26
C LYS C 163 15.30 18.86 11.62
N GLU C 164 15.16 19.33 10.38
CA GLU C 164 13.91 19.22 9.65
C GLU C 164 13.89 18.01 8.73
N ASN C 165 14.84 17.10 8.89
CA ASN C 165 14.92 15.87 8.10
C ASN C 165 15.23 16.14 6.64
N ILE C 166 16.02 17.19 6.38
CA ILE C 166 16.60 17.44 5.07
C ILE C 166 18.05 16.96 5.17
N LEU C 167 18.30 15.76 4.66
CA LEU C 167 19.55 15.03 4.93
C LEU C 167 20.46 15.08 3.71
N ILE C 168 21.48 15.94 3.80
CA ILE C 168 22.47 16.05 2.73
C ILE C 168 23.19 14.72 2.52
N LYS C 169 23.44 13.98 3.61
CA LYS C 169 24.20 12.74 3.48
C LYS C 169 23.43 11.69 2.70
N ALA C 170 22.11 11.62 2.91
CA ALA C 170 21.26 10.67 2.21
C ALA C 170 20.64 11.25 0.95
N ARG C 171 20.82 12.54 0.70
CA ARG C 171 20.10 13.27 -0.34
C ARG C 171 18.67 12.75 -0.46
N ASN C 172 17.94 12.76 0.65
CA ASN C 172 16.62 12.19 0.71
C ASN C 172 15.54 13.11 0.14
N PHE C 173 15.90 14.31 -0.31
CA PHE C 173 14.92 15.32 -0.68
C PHE C 173 14.88 15.65 -2.17
N LEU C 174 15.81 15.15 -2.98
CA LEU C 174 15.73 15.47 -4.39
C LEU C 174 16.41 14.41 -5.24
N VAL C 175 15.94 14.32 -6.48
CA VAL C 175 16.44 13.36 -7.45
C VAL C 175 16.94 14.15 -8.66
N PHE C 176 18.23 14.04 -8.93
CA PHE C 176 18.77 14.59 -10.17
C PHE C 176 18.39 13.71 -11.35
N GLN C 177 18.44 14.29 -12.55
CA GLN C 177 18.15 13.49 -13.74
C GLN C 177 19.21 12.41 -13.94
N GLY C 178 20.48 12.73 -13.67
CA GLY C 178 21.53 11.75 -13.79
C GLY C 178 21.44 10.62 -12.79
N ASP C 179 20.67 10.81 -11.71
CA ASP C 179 20.52 9.74 -10.72
C ASP C 179 19.88 8.50 -11.34
N VAL C 180 18.89 8.70 -12.22
CA VAL C 180 18.19 7.57 -12.81
C VAL C 180 19.15 6.71 -13.61
N GLU C 181 19.95 7.35 -14.48
CA GLU C 181 20.92 6.61 -15.27
C GLU C 181 21.98 5.96 -14.38
N ALA C 182 22.42 6.67 -13.33
CA ALA C 182 23.42 6.10 -12.44
C ALA C 182 22.88 4.86 -11.75
N ILE C 183 21.64 4.93 -11.24
CA ILE C 183 21.03 3.76 -10.60
C ILE C 183 20.98 2.59 -11.57
N ALA C 184 20.58 2.83 -12.82
CA ALA C 184 20.34 1.76 -13.76
C ALA C 184 21.61 0.98 -14.10
N SER C 185 22.78 1.59 -13.95
CA SER C 185 24.04 0.99 -14.39
C SER C 185 24.92 0.54 -13.24
N GLN C 186 24.52 0.76 -12.00
CA GLN C 186 25.34 0.40 -10.86
CA GLN C 186 25.36 0.41 -10.86
C GLN C 186 25.44 -1.11 -10.71
N SER C 187 26.53 -1.57 -10.10
CA SER C 187 26.73 -2.97 -9.80
C SER C 187 26.01 -3.32 -8.50
N PRO C 188 25.89 -4.61 -8.19
CA PRO C 188 25.38 -4.99 -6.85
C PRO C 188 26.16 -4.36 -5.72
N GLN C 189 27.49 -4.36 -5.79
CA GLN C 189 28.29 -3.75 -4.72
C GLN C 189 28.05 -2.25 -4.64
N ASP C 190 27.86 -1.59 -5.79
CA ASP C 190 27.52 -0.17 -5.79
C ASP C 190 26.20 0.06 -5.05
N LEU C 191 25.19 -0.77 -5.32
CA LEU C 191 23.90 -0.62 -4.65
C LEU C 191 24.04 -0.84 -3.14
N THR C 192 24.93 -1.74 -2.73
CA THR C 192 25.20 -1.91 -1.31
C THR C 192 25.76 -0.62 -0.72
N ARG C 193 26.77 -0.04 -1.37
CA ARG C 193 27.36 1.20 -0.85
C ARG C 193 26.34 2.32 -0.78
N LEU C 194 25.42 2.36 -1.73
CA LEU C 194 24.38 3.39 -1.72
C LEU C 194 23.46 3.23 -0.52
N ILE C 195 23.11 1.99 -0.16
CA ILE C 195 22.28 1.75 1.01
C ILE C 195 23.06 2.06 2.28
N GLU C 196 24.37 1.81 2.28
CA GLU C 196 25.20 2.20 3.42
C GLU C 196 25.26 3.72 3.54
N GLN C 197 25.37 4.41 2.41
CA GLN C 197 25.43 5.87 2.43
C GLN C 197 24.17 6.47 3.06
N ILE C 198 22.99 6.07 2.57
CA ILE C 198 21.76 6.70 3.03
C ILE C 198 21.36 6.21 4.42
N SER C 199 21.76 4.99 4.80
CA SER C 199 21.39 4.47 6.10
C SER C 199 22.29 4.99 7.22
N GLY C 200 23.48 5.49 6.89
CA GLY C 200 24.45 5.91 7.88
C GLY C 200 25.44 4.85 8.28
N SER C 201 25.30 3.62 7.77
CA SER C 201 26.25 2.56 8.14
C SER C 201 27.61 2.76 7.50
N LEU C 202 27.68 3.50 6.39
CA LEU C 202 28.96 3.74 5.73
C LEU C 202 29.89 4.58 6.60
N GLU C 203 29.33 5.41 7.49
CA GLU C 203 30.17 6.23 8.36
C GLU C 203 30.97 5.40 9.35
N TYR C 204 30.67 4.11 9.50
CA TYR C 204 31.44 3.21 10.34
C TYR C 204 32.41 2.34 9.55
N LYS C 205 32.48 2.52 8.22
CA LYS C 205 33.25 1.60 7.40
C LYS C 205 34.73 1.59 7.78
N GLU C 206 35.35 2.77 7.88
CA GLU C 206 36.78 2.82 8.15
C GLU C 206 37.11 2.31 9.54
N GLU C 207 36.31 2.71 10.54
CA GLU C 207 36.50 2.21 11.90
C GLU C 207 36.34 0.70 11.95
N TYR C 208 35.33 0.17 11.26
CA TYR C 208 35.16 -1.28 11.14
C TYR C 208 36.41 -1.93 10.57
N GLU C 209 36.99 -1.34 9.53
CA GLU C 209 38.14 -1.93 8.86
C GLU C 209 39.43 -1.73 9.66
N ARG C 210 39.54 -0.61 10.38
CA ARG C 210 40.68 -0.43 11.26
C ARG C 210 40.67 -1.47 12.39
N LEU C 211 39.52 -1.66 13.02
CA LEU C 211 39.42 -2.60 14.13
C LEU C 211 39.53 -4.05 13.66
N GLU C 212 39.03 -4.36 12.46
CA GLU C 212 39.20 -5.72 11.96
C GLU C 212 40.68 -6.04 11.75
N GLU C 213 41.44 -5.07 11.25
CA GLU C 213 42.88 -5.27 11.09
C GLU C 213 43.57 -5.45 12.44
N GLU C 214 43.13 -4.69 13.45
CA GLU C 214 43.73 -4.81 14.78
C GLU C 214 43.46 -6.18 15.38
N VAL C 215 42.27 -6.74 15.13
CA VAL C 215 41.99 -8.10 15.57
C VAL C 215 42.97 -9.07 14.93
N ARG C 216 43.26 -8.86 13.64
CA ARG C 216 44.18 -9.75 12.94
C ARG C 216 45.58 -9.66 13.51
N GLN C 217 46.07 -8.44 13.77
CA GLN C 217 47.40 -8.28 14.34
C GLN C 217 47.46 -8.85 15.76
N ALA C 218 46.49 -8.50 16.61
CA ALA C 218 46.46 -9.04 17.96
C ALA C 218 46.28 -10.56 17.95
N THR C 219 45.69 -11.12 16.89
CA THR C 219 45.55 -12.57 16.80
C THR C 219 46.89 -13.24 16.56
N GLU C 220 47.62 -12.81 15.53
CA GLU C 220 48.93 -13.41 15.27
C GLU C 220 49.92 -13.06 16.37
N GLU C 221 49.74 -11.91 17.04
CA GLU C 221 50.59 -11.57 18.17
C GLU C 221 50.38 -12.55 19.31
N GLN C 222 49.12 -12.82 19.66
CA GLN C 222 48.86 -13.80 20.72
C GLN C 222 49.45 -15.16 20.34
N ALA C 223 49.29 -15.58 19.08
CA ALA C 223 49.86 -16.85 18.66
C ALA C 223 51.39 -16.81 18.72
N TYR C 224 51.99 -15.68 18.35
CA TYR C 224 53.44 -15.57 18.41
C TYR C 224 53.93 -15.71 19.85
N LYS C 225 53.39 -14.90 20.76
CA LYS C 225 53.84 -14.91 22.14
C LYS C 225 53.47 -16.20 22.86
N LEU C 226 52.43 -16.91 22.41
CA LEU C 226 52.16 -18.23 22.96
C LEU C 226 53.24 -19.23 22.53
N GLN C 227 53.64 -19.17 21.25
CA GLN C 227 54.73 -20.01 20.78
C GLN C 227 56.03 -19.66 21.48
N ARG C 228 56.25 -18.37 21.76
CA ARG C 228 57.50 -17.94 22.38
C ARG C 228 57.56 -18.35 23.84
N ARG C 229 56.46 -18.18 24.58
CA ARG C 229 56.41 -18.63 25.97
C ARG C 229 56.64 -20.13 26.04
N ARG C 230 55.92 -20.88 25.20
CA ARG C 230 56.07 -22.33 25.15
C ARG C 230 57.52 -22.72 24.85
N ALA C 231 58.19 -21.95 23.99
CA ALA C 231 59.57 -22.26 23.65
C ALA C 231 60.52 -21.90 24.78
N ALA C 232 60.29 -20.77 25.44
CA ALA C 232 61.11 -20.42 26.61
C ALA C 232 61.04 -21.50 27.67
N ASN C 233 59.83 -21.94 28.01
CA ASN C 233 59.65 -22.97 29.03
C ASN C 233 60.17 -24.33 28.57
N SER C 234 60.34 -24.53 27.26
CA SER C 234 60.81 -25.82 26.77
C SER C 234 62.31 -25.98 26.97
N GLU C 235 63.10 -25.13 26.31
CA GLU C 235 64.55 -25.22 26.42
C GLU C 235 65.07 -24.79 27.78
N ILE C 236 64.24 -24.15 28.60
CA ILE C 236 64.70 -23.80 29.95
C ILE C 236 64.68 -25.03 30.84
N LYS C 237 63.66 -25.88 30.71
CA LYS C 237 63.63 -27.12 31.45
C LYS C 237 64.75 -28.06 30.99
N GLN C 238 65.03 -28.06 29.69
CA GLN C 238 66.16 -28.84 29.20
C GLN C 238 67.49 -28.26 29.69
N TYR C 239 67.58 -26.94 29.81
CA TYR C 239 68.81 -26.31 30.26
C TYR C 239 69.06 -26.51 31.74
N MET C 240 68.03 -26.82 32.52
CA MET C 240 68.19 -27.12 33.94
C MET C 240 68.68 -28.55 34.12
N MET C 251 75.06 -20.14 41.31
CA MET C 251 74.37 -20.11 40.03
C MET C 251 73.51 -18.87 39.90
N ASP C 252 74.00 -17.89 39.14
CA ASP C 252 73.26 -16.66 38.89
C ASP C 252 72.38 -16.75 37.66
N ARG C 253 72.58 -17.75 36.80
CA ARG C 253 71.71 -17.94 35.65
C ARG C 253 70.31 -18.39 36.08
N LEU C 254 70.20 -19.06 37.23
CA LEU C 254 68.89 -19.42 37.75
C LEU C 254 68.02 -18.18 37.98
N ASP C 255 68.65 -17.01 38.15
CA ASP C 255 67.91 -15.77 38.34
C ASP C 255 67.65 -15.04 37.04
N HIS C 256 68.58 -15.10 36.07
CA HIS C 256 68.30 -14.58 34.74
C HIS C 256 67.14 -15.33 34.10
N VAL C 257 67.05 -16.62 34.39
CA VAL C 257 65.96 -17.44 33.85
C VAL C 257 64.64 -17.03 34.45
N ARG C 258 64.55 -17.01 35.78
CA ARG C 258 63.29 -16.74 36.45
C ARG C 258 62.66 -15.44 35.97
N LYS C 259 63.48 -14.48 35.53
CA LYS C 259 62.97 -13.24 34.95
C LYS C 259 62.69 -13.37 33.46
N GLN C 260 63.28 -14.35 32.77
CA GLN C 260 62.99 -14.55 31.37
C GLN C 260 61.63 -15.21 31.18
N LEU C 261 61.26 -16.14 32.06
CA LEU C 261 59.97 -16.80 31.94
C LEU C 261 58.83 -15.85 32.31
N GLU C 262 58.93 -15.22 33.49
CA GLU C 262 57.90 -14.24 33.86
C GLU C 262 57.79 -13.15 32.81
N GLN C 263 58.87 -12.88 32.07
CA GLN C 263 58.80 -11.94 30.96
C GLN C 263 57.87 -12.44 29.87
N THR C 264 58.21 -13.59 29.27
CA THR C 264 57.34 -14.14 28.23
C THR C 264 55.98 -14.53 28.76
N GLU C 265 55.86 -14.80 30.07
CA GLU C 265 54.56 -15.12 30.65
C GLU C 265 53.67 -13.88 30.69
N GLN C 266 54.22 -12.76 31.16
CA GLN C 266 53.45 -11.52 31.19
C GLN C 266 53.23 -10.97 29.79
N GLU C 267 54.19 -11.19 28.88
CA GLU C 267 54.01 -10.73 27.51
C GLU C 267 52.85 -11.47 26.84
N PHE C 268 52.72 -12.78 27.08
CA PHE C 268 51.60 -13.51 26.51
C PHE C 268 50.30 -13.11 27.18
N GLU C 269 50.31 -12.93 28.50
CA GLU C 269 49.10 -12.52 29.20
C GLU C 269 48.61 -11.18 28.69
N ALA C 270 49.54 -10.28 28.33
CA ALA C 270 49.17 -9.00 27.75
C ALA C 270 48.51 -9.18 26.40
N SER C 271 49.12 -9.96 25.52
CA SER C 271 48.57 -10.16 24.19
C SER C 271 47.18 -10.78 24.26
N LYS C 272 46.95 -11.67 25.24
CA LYS C 272 45.63 -12.25 25.42
C LYS C 272 44.61 -11.16 25.71
N ALA C 273 44.93 -10.25 26.64
CA ALA C 273 44.00 -9.19 26.99
C ALA C 273 43.82 -8.19 25.84
N LYS C 274 44.89 -7.94 25.07
CA LYS C 274 44.76 -7.04 23.93
C LYS C 274 43.82 -7.61 22.88
N LEU C 275 43.97 -8.89 22.56
CA LEU C 275 43.07 -9.52 21.61
C LEU C 275 41.64 -9.50 22.12
N ARG C 276 41.44 -9.83 23.39
CA ARG C 276 40.10 -9.78 23.97
C ARG C 276 39.51 -8.38 23.84
N GLN C 277 40.34 -7.35 24.01
CA GLN C 277 39.85 -5.98 23.91
C GLN C 277 39.54 -5.63 22.46
N ALA C 278 40.39 -6.06 21.52
CA ALA C 278 40.17 -5.74 20.12
C ALA C 278 38.93 -6.45 19.58
N ARG C 279 38.69 -7.69 20.03
CA ARG C 279 37.52 -8.43 19.58
C ARG C 279 36.24 -7.78 20.08
N GLU C 280 36.24 -7.25 21.31
CA GLU C 280 35.06 -6.55 21.82
C GLU C 280 34.79 -5.28 21.04
N SER C 281 35.83 -4.49 20.79
CA SER C 281 35.66 -3.25 20.03
C SER C 281 35.13 -3.54 18.63
N PHE C 282 35.79 -4.45 17.90
CA PHE C 282 35.37 -4.75 16.54
C PHE C 282 33.91 -5.19 16.50
N GLN C 283 33.52 -6.09 17.41
CA GLN C 283 32.14 -6.57 17.41
C GLN C 283 31.15 -5.45 17.71
N ALA C 284 31.57 -4.44 18.48
CA ALA C 284 30.69 -3.31 18.79
C ALA C 284 30.38 -2.52 17.52
N VAL C 285 31.42 -2.11 16.78
CA VAL C 285 31.20 -1.34 15.56
C VAL C 285 30.50 -2.19 14.51
N LYS C 286 30.90 -3.46 14.38
CA LYS C 286 30.24 -4.35 13.43
C LYS C 286 28.74 -4.43 13.72
N GLN C 287 28.38 -4.54 14.99
CA GLN C 287 26.97 -4.63 15.35
C GLN C 287 26.24 -3.32 15.02
N LYS C 288 26.91 -2.18 15.19
CA LYS C 288 26.27 -0.90 14.91
C LYS C 288 26.15 -0.67 13.41
N ARG C 289 27.20 -1.00 12.65
CA ARG C 289 27.14 -0.90 11.20
C ARG C 289 26.06 -1.81 10.63
N LEU C 290 26.00 -3.04 11.13
CA LEU C 290 25.01 -4.00 10.65
C LEU C 290 23.59 -3.56 11.02
N GLU C 291 23.42 -2.97 12.20
CA GLU C 291 22.09 -2.52 12.61
C GLU C 291 21.56 -1.45 11.67
N LEU C 292 22.38 -0.44 11.36
CA LEU C 292 21.92 0.64 10.51
C LEU C 292 21.62 0.13 9.10
N PHE C 293 22.49 -0.71 8.55
CA PHE C 293 22.29 -1.20 7.20
C PHE C 293 21.03 -2.06 7.10
N ASN C 294 20.85 -2.98 8.05
CA ASN C 294 19.72 -3.90 7.97
C ASN C 294 18.39 -3.16 8.10
N LYS C 295 18.33 -2.14 8.96
CA LYS C 295 17.08 -1.39 9.12
C LYS C 295 16.69 -0.73 7.81
N ALA C 296 17.66 -0.16 7.10
CA ALA C 296 17.36 0.45 5.80
C ALA C 296 17.02 -0.61 4.76
N PHE C 297 17.86 -1.64 4.62
CA PHE C 297 17.60 -2.68 3.63
C PHE C 297 16.23 -3.31 3.85
N THR C 298 15.87 -3.55 5.12
CA THR C 298 14.57 -4.18 5.40
C THR C 298 13.42 -3.32 4.91
N HIS C 299 13.50 -2.00 5.17
CA HIS C 299 12.45 -1.10 4.71
C HIS C 299 12.37 -1.07 3.20
N ILE C 300 13.52 -0.86 2.53
CA ILE C 300 13.53 -0.74 1.08
C ILE C 300 13.05 -2.03 0.44
N GLN C 301 13.57 -3.16 0.89
CA GLN C 301 13.14 -4.45 0.39
C GLN C 301 11.63 -4.60 0.45
N GLU C 302 11.01 -4.13 1.54
CA GLU C 302 9.56 -4.26 1.68
C GLU C 302 8.82 -3.30 0.76
N GLN C 303 9.35 -2.08 0.58
CA GLN C 303 8.61 -1.07 -0.17
C GLN C 303 8.75 -1.28 -1.68
N ILE C 304 9.93 -1.65 -2.16
CA ILE C 304 10.17 -1.75 -3.61
C ILE C 304 9.08 -2.58 -4.28
N THR C 305 8.57 -3.59 -3.57
CA THR C 305 7.50 -4.43 -4.10
C THR C 305 6.29 -3.60 -4.48
N HIS C 306 5.89 -2.67 -3.61
CA HIS C 306 4.67 -1.91 -3.82
C HIS C 306 4.91 -0.70 -4.71
N VAL C 307 6.05 -0.03 -4.57
CA VAL C 307 6.34 1.14 -5.40
C VAL C 307 6.41 0.75 -6.86
N TYR C 308 7.10 -0.36 -7.17
CA TYR C 308 7.24 -0.76 -8.56
C TYR C 308 5.91 -1.15 -9.18
N LYS C 309 5.01 -1.75 -8.40
CA LYS C 309 3.67 -2.02 -8.89
C LYS C 309 2.95 -0.74 -9.29
N GLU C 310 2.93 0.24 -8.38
CA GLU C 310 2.22 1.49 -8.63
C GLU C 310 2.73 2.18 -9.89
N LEU C 311 4.00 1.97 -10.24
CA LEU C 311 4.58 2.63 -11.41
C LEU C 311 4.53 1.79 -12.68
N THR C 312 3.96 0.59 -12.60
CA THR C 312 3.79 -0.25 -13.78
C THR C 312 2.35 -0.71 -13.97
N ARG C 313 1.41 -0.24 -13.14
CA ARG C 313 0.00 -0.51 -13.34
C ARG C 313 -0.55 0.29 -14.53
N SER C 314 -1.46 -0.31 -15.28
CA SER C 314 -2.15 0.42 -16.34
C SER C 314 -3.53 -0.20 -16.57
N GLU C 315 -4.34 0.50 -17.38
CA GLU C 315 -5.67 0.00 -17.73
C GLU C 315 -5.58 -1.41 -18.31
N ALA C 316 -4.56 -1.67 -19.12
CA ALA C 316 -4.41 -2.98 -19.76
C ALA C 316 -3.86 -4.02 -18.79
N TYR C 317 -2.99 -3.61 -17.87
CA TYR C 317 -2.36 -4.50 -16.89
C TYR C 317 -2.56 -3.91 -15.51
N PRO C 318 -3.78 -3.98 -14.97
CA PRO C 318 -4.07 -3.29 -13.71
C PRO C 318 -3.37 -3.89 -12.48
N LEU C 319 -2.76 -5.06 -12.62
CA LEU C 319 -1.99 -5.64 -11.52
C LEU C 319 -0.55 -5.16 -11.48
N GLY C 320 -0.06 -4.56 -12.57
CA GLY C 320 1.31 -4.10 -12.61
C GLY C 320 2.32 -5.25 -12.65
N GLY C 321 3.58 -4.86 -12.58
CA GLY C 321 4.67 -5.82 -12.50
C GLY C 321 5.06 -6.11 -11.07
N GLN C 322 6.21 -6.77 -10.92
CA GLN C 322 6.73 -7.12 -9.62
C GLN C 322 8.23 -6.86 -9.58
N ALA C 323 8.75 -6.63 -8.38
CA ALA C 323 10.18 -6.46 -8.17
C ALA C 323 10.54 -6.88 -6.75
N TYR C 324 11.81 -7.19 -6.56
CA TYR C 324 12.30 -7.51 -5.22
C TYR C 324 13.78 -7.20 -5.12
N LEU C 325 14.25 -7.13 -3.88
CA LEU C 325 15.64 -6.87 -3.56
C LEU C 325 16.15 -8.00 -2.67
N ASP C 326 17.35 -8.50 -2.97
CA ASP C 326 17.93 -9.59 -2.19
C ASP C 326 19.44 -9.38 -2.06
N ILE C 327 20.00 -9.90 -0.97
CA ILE C 327 21.46 -9.94 -0.81
C ILE C 327 22.00 -10.94 -1.82
N GLU C 328 22.97 -10.49 -2.63
CA GLU C 328 23.41 -11.28 -3.78
C GLU C 328 23.88 -12.67 -3.34
N GLU C 329 24.86 -12.72 -2.45
CA GLU C 329 25.48 -13.97 -2.04
C GLU C 329 25.16 -14.30 -0.60
N ASP C 330 25.25 -15.59 -0.28
CA ASP C 330 25.07 -16.02 1.10
C ASP C 330 26.24 -15.52 1.94
N THR C 331 25.92 -14.88 3.06
CA THR C 331 26.92 -14.26 3.93
C THR C 331 26.32 -14.10 5.31
N ASP C 332 27.19 -14.02 6.31
CA ASP C 332 26.74 -13.72 7.66
C ASP C 332 26.66 -12.23 7.95
N THR C 333 27.22 -11.40 7.07
CA THR C 333 27.24 -9.95 7.25
C THR C 333 26.78 -9.29 5.94
N PRO C 334 25.50 -8.95 5.82
CA PRO C 334 24.96 -8.54 4.51
C PRO C 334 25.76 -7.48 3.75
N PHE C 335 26.28 -6.45 4.41
CA PHE C 335 26.89 -5.35 3.66
C PHE C 335 28.22 -5.73 3.03
N LEU C 336 28.75 -6.92 3.31
CA LEU C 336 29.92 -7.41 2.59
C LEU C 336 29.56 -8.01 1.24
N SER C 337 28.28 -8.17 0.96
CA SER C 337 27.79 -8.70 -0.30
C SER C 337 27.11 -7.59 -1.11
N GLY C 338 27.05 -7.79 -2.42
CA GLY C 338 26.27 -6.92 -3.26
C GLY C 338 24.79 -7.15 -3.08
N VAL C 339 24.00 -6.17 -3.51
CA VAL C 339 22.55 -6.23 -3.45
C VAL C 339 22.02 -6.41 -4.86
N LYS C 340 21.11 -7.37 -5.04
CA LYS C 340 20.51 -7.65 -6.33
C LYS C 340 19.13 -7.00 -6.42
N TYR C 341 18.86 -6.37 -7.56
CA TYR C 341 17.57 -5.75 -7.86
C TYR C 341 16.96 -6.45 -9.06
N HIS C 342 15.80 -7.05 -8.87
CA HIS C 342 15.11 -7.76 -9.94
C HIS C 342 13.72 -7.16 -10.14
N ALA C 343 13.39 -6.88 -11.39
CA ALA C 343 12.12 -6.29 -11.76
C ALA C 343 11.50 -7.08 -12.90
N MET C 344 10.20 -7.33 -12.79
CA MET C 344 9.43 -8.09 -13.77
C MET C 344 8.31 -7.20 -14.28
N PRO C 345 8.50 -6.51 -15.39
CA PRO C 345 7.40 -5.71 -15.96
C PRO C 345 6.26 -6.62 -16.38
N PRO C 346 5.08 -6.07 -16.60
CA PRO C 346 3.91 -6.91 -16.87
C PRO C 346 4.15 -7.86 -18.05
N LEU C 347 3.75 -9.12 -17.86
CA LEU C 347 3.85 -10.16 -18.90
C LEU C 347 5.29 -10.38 -19.35
N LYS C 348 6.22 -10.32 -18.42
CA LYS C 348 7.63 -10.56 -18.72
C LYS C 348 8.22 -11.39 -17.59
N ARG C 349 9.53 -11.62 -17.65
CA ARG C 349 10.26 -12.33 -16.61
C ARG C 349 11.06 -11.36 -15.76
N PHE C 350 11.41 -11.80 -14.55
CA PHE C 350 12.32 -11.03 -13.71
C PHE C 350 13.66 -10.85 -14.42
N ARG C 351 14.22 -9.65 -14.32
CA ARG C 351 15.51 -9.36 -14.91
C ARG C 351 16.31 -8.43 -14.01
N ASP C 352 17.63 -8.53 -14.09
CA ASP C 352 18.47 -7.45 -13.59
C ASP C 352 18.13 -6.16 -14.31
N MET C 353 18.30 -5.04 -13.61
CA MET C 353 17.99 -3.76 -14.21
C MET C 353 18.83 -3.50 -15.45
N GLU C 354 20.11 -3.91 -15.42
CA GLU C 354 20.98 -3.65 -16.56
C GLU C 354 20.57 -4.42 -17.81
N HIS C 355 19.58 -5.30 -17.70
CA HIS C 355 19.07 -6.04 -18.86
C HIS C 355 17.67 -5.57 -19.27
N LEU C 356 17.23 -4.41 -18.80
CA LEU C 356 15.96 -3.83 -19.21
C LEU C 356 16.21 -2.69 -20.19
N SER C 357 15.24 -2.49 -21.08
CA SER C 357 15.32 -1.46 -22.11
C SER C 357 14.85 -0.11 -21.57
N GLY C 358 15.23 0.94 -22.29
CA GLY C 358 14.98 2.32 -21.90
C GLY C 358 13.80 2.56 -20.99
N GLY C 359 12.59 2.48 -21.53
CA GLY C 359 11.41 2.79 -20.72
C GLY C 359 11.27 1.88 -19.51
N GLU C 360 11.41 0.57 -19.72
CA GLU C 360 11.36 -0.36 -18.60
C GLU C 360 12.46 -0.07 -17.60
N LYS C 361 13.66 0.26 -18.08
CA LYS C 361 14.78 0.55 -17.20
C LYS C 361 14.51 1.79 -16.34
N THR C 362 14.04 2.87 -16.96
CA THR C 362 13.87 4.13 -16.25
C THR C 362 12.88 3.99 -15.10
N MET C 363 11.75 3.32 -15.34
CA MET C 363 10.73 3.20 -14.30
C MET C 363 11.19 2.28 -13.17
N ALA C 364 12.01 1.27 -13.49
CA ALA C 364 12.59 0.44 -12.44
C ALA C 364 13.55 1.26 -11.57
N ALA C 365 14.34 2.13 -12.19
CA ALA C 365 15.28 2.95 -11.44
C ALA C 365 14.55 3.98 -10.58
N LEU C 366 13.49 4.58 -11.11
CA LEU C 366 12.71 5.54 -10.32
C LEU C 366 12.03 4.85 -9.15
N ALA C 367 11.46 3.66 -9.38
CA ALA C 367 10.82 2.92 -8.29
C ALA C 367 11.82 2.65 -7.17
N LEU C 368 13.05 2.27 -7.53
CA LEU C 368 14.06 2.03 -6.51
C LEU C 368 14.45 3.31 -5.79
N LEU C 369 14.59 4.41 -6.54
CA LEU C 369 14.90 5.70 -5.91
C LEU C 369 13.82 6.08 -4.90
N PHE C 370 12.55 5.97 -5.29
CA PHE C 370 11.45 6.33 -4.40
C PHE C 370 11.45 5.44 -3.15
N ALA C 371 11.74 4.15 -3.32
CA ALA C 371 11.76 3.25 -2.17
C ALA C 371 12.87 3.62 -1.20
N ILE C 372 14.05 3.99 -1.72
CA ILE C 372 15.17 4.34 -0.85
C ILE C 372 14.84 5.60 -0.05
N HIS C 373 14.32 6.63 -0.74
CA HIS C 373 14.09 7.92 -0.10
C HIS C 373 12.93 7.87 0.88
N SER C 374 12.03 6.91 0.75
CA SER C 374 10.95 6.76 1.71
C SER C 374 11.44 6.27 3.07
N TYR C 375 12.66 5.76 3.14
CA TYR C 375 13.19 5.28 4.42
C TYR C 375 13.38 6.42 5.40
N GLN C 376 13.80 7.59 4.91
CA GLN C 376 13.95 8.79 5.72
C GLN C 376 13.18 9.90 5.01
N PRO C 377 11.88 10.02 5.28
CA PRO C 377 11.03 10.87 4.44
C PRO C 377 11.33 12.35 4.63
N SER C 378 11.74 13.01 3.55
CA SER C 378 11.97 14.45 3.58
C SER C 378 10.63 15.18 3.61
N PRO C 379 10.58 16.37 4.22
CA PRO C 379 9.32 17.12 4.19
C PRO C 379 8.94 17.58 2.79
N PHE C 380 9.91 17.75 1.90
CA PHE C 380 9.65 18.07 0.51
C PHE C 380 10.59 17.23 -0.35
N PHE C 381 10.21 17.07 -1.62
CA PHE C 381 10.89 16.18 -2.54
C PHE C 381 11.00 16.88 -3.88
N VAL C 382 12.22 17.09 -4.36
CA VAL C 382 12.46 17.83 -5.60
C VAL C 382 12.78 16.83 -6.70
N LEU C 383 12.05 16.91 -7.80
CA LEU C 383 12.15 15.95 -8.89
C LEU C 383 12.68 16.67 -10.13
N ASP C 384 13.90 16.34 -10.54
CA ASP C 384 14.49 16.93 -11.74
C ASP C 384 13.64 16.55 -12.95
N GLU C 385 14.08 16.97 -14.14
CA GLU C 385 13.28 16.83 -15.35
C GLU C 385 13.35 15.39 -15.88
N VAL C 386 12.83 14.47 -15.07
CA VAL C 386 12.83 13.05 -15.43
C VAL C 386 11.77 12.73 -16.47
N ASP C 387 10.72 13.54 -16.60
CA ASP C 387 9.68 13.28 -17.60
C ASP C 387 10.14 13.57 -19.02
N ALA C 388 11.31 14.19 -19.20
CA ALA C 388 11.73 14.64 -20.52
C ALA C 388 11.84 13.48 -21.50
N ALA C 389 12.37 12.34 -21.05
CA ALA C 389 12.66 11.22 -21.94
C ALA C 389 11.69 10.04 -21.78
N LEU C 390 10.58 10.23 -21.10
CA LEU C 390 9.60 9.17 -20.93
C LEU C 390 8.51 9.27 -22.00
N ASP C 391 7.98 8.12 -22.39
CA ASP C 391 6.81 8.10 -23.26
C ASP C 391 5.59 8.58 -22.46
N ASN C 392 4.50 8.84 -23.18
CA ASN C 392 3.34 9.43 -22.52
C ASN C 392 2.77 8.50 -21.46
N ALA C 393 2.81 7.20 -21.70
CA ALA C 393 2.21 6.26 -20.76
C ALA C 393 2.93 6.30 -19.41
N ASN C 394 4.26 6.37 -19.43
CA ASN C 394 5.01 6.44 -18.18
C ASN C 394 4.93 7.82 -17.55
N VAL C 395 4.90 8.88 -18.37
CA VAL C 395 4.62 10.21 -17.83
C VAL C 395 3.33 10.17 -17.00
N GLU C 396 2.30 9.54 -17.55
CA GLU C 396 1.02 9.44 -16.84
C GLU C 396 1.20 8.71 -15.50
N LYS C 397 2.05 7.68 -15.48
CA LYS C 397 2.22 6.88 -14.26
C LYS C 397 2.96 7.65 -13.19
N ILE C 398 3.98 8.43 -13.57
CA ILE C 398 4.63 9.32 -12.62
C ILE C 398 3.63 10.33 -12.09
N LYS C 399 2.84 10.93 -12.99
CA LYS C 399 1.84 11.92 -12.57
C LYS C 399 0.91 11.33 -11.53
N LYS C 400 0.42 10.11 -11.78
CA LYS C 400 -0.47 9.46 -10.83
C LYS C 400 0.24 9.20 -9.50
N TYR C 401 1.50 8.78 -9.56
CA TYR C 401 2.26 8.56 -8.33
C TYR C 401 2.36 9.84 -7.51
N ILE C 402 2.75 10.95 -8.15
CA ILE C 402 2.90 12.20 -7.44
C ILE C 402 1.58 12.63 -6.83
N ARG C 403 0.51 12.62 -7.62
CA ARG C 403 -0.78 13.09 -7.13
C ARG C 403 -1.27 12.27 -5.95
N GLU C 404 -0.90 11.00 -5.90
CA GLU C 404 -1.34 10.11 -4.83
C GLU C 404 -0.49 10.22 -3.58
N HIS C 405 0.62 10.97 -3.63
CA HIS C 405 1.47 11.17 -2.46
C HIS C 405 1.68 12.64 -2.08
N ALA C 406 1.35 13.59 -2.96
CA ALA C 406 1.65 14.98 -2.71
C ALA C 406 0.64 15.58 -1.76
N GLY C 407 1.10 16.03 -0.59
CA GLY C 407 0.27 16.67 0.39
C GLY C 407 1.04 16.99 1.65
N PRO C 408 0.34 17.39 2.71
CA PRO C 408 1.02 17.65 3.99
C PRO C 408 1.91 16.48 4.39
N GLY C 409 3.20 16.74 4.58
CA GLY C 409 4.16 15.71 4.88
C GLY C 409 5.02 15.29 3.71
N MET C 410 4.59 15.57 2.48
CA MET C 410 5.44 15.30 1.31
C MET C 410 5.05 16.28 0.20
N GLN C 411 5.74 17.42 0.19
CA GLN C 411 5.58 18.41 -0.87
C GLN C 411 6.43 18.02 -2.06
N PHE C 412 5.86 18.11 -3.26
CA PHE C 412 6.57 17.81 -4.49
C PHE C 412 6.89 19.11 -5.22
N ILE C 413 8.14 19.22 -5.68
CA ILE C 413 8.59 20.31 -6.53
C ILE C 413 9.24 19.68 -7.75
N VAL C 414 8.68 19.92 -8.93
CA VAL C 414 9.01 19.16 -10.13
C VAL C 414 9.45 20.11 -11.22
N ILE C 415 10.62 19.84 -11.80
CA ILE C 415 11.02 20.46 -13.05
C ILE C 415 10.45 19.60 -14.16
N SER C 416 9.54 20.16 -14.95
CA SER C 416 8.73 19.37 -15.86
C SER C 416 8.79 19.92 -17.28
N LEU C 417 8.96 19.02 -18.25
CA LEU C 417 8.91 19.36 -19.66
C LEU C 417 7.59 18.93 -20.31
N LYS C 418 6.90 17.95 -19.74
CA LYS C 418 5.74 17.36 -20.40
C LYS C 418 4.46 17.94 -19.83
N PRO C 419 3.61 18.55 -20.67
CA PRO C 419 2.33 19.06 -20.14
C PRO C 419 1.46 17.98 -19.52
N ALA C 420 1.54 16.75 -20.03
CA ALA C 420 0.76 15.66 -19.43
C ALA C 420 1.05 15.54 -17.94
N LEU C 421 2.23 15.99 -17.50
CA LEU C 421 2.58 16.00 -16.09
C LEU C 421 2.26 17.35 -15.44
N PHE C 422 2.85 18.44 -15.93
CA PHE C 422 2.74 19.68 -15.17
C PHE C 422 1.34 20.29 -15.23
N GLN C 423 0.47 19.83 -16.14
CA GLN C 423 -0.90 20.29 -16.14
C GLN C 423 -1.72 19.71 -15.00
N ALA C 424 -1.20 18.70 -14.30
CA ALA C 424 -1.86 18.12 -13.13
C ALA C 424 -1.38 18.74 -11.82
N SER C 425 -0.48 19.71 -11.88
CA SER C 425 0.07 20.33 -10.68
C SER C 425 -1.03 21.07 -9.90
N GLU C 426 -0.73 21.32 -8.63
CA GLU C 426 -1.53 22.27 -7.87
C GLU C 426 -1.21 23.71 -8.27
N SER C 427 0.04 23.98 -8.64
CA SER C 427 0.42 25.32 -9.08
C SER C 427 1.62 25.20 -10.01
N LEU C 428 1.86 26.28 -10.75
CA LEU C 428 2.94 26.36 -11.72
C LEU C 428 3.85 27.53 -11.40
N ILE C 429 5.14 27.35 -11.64
CA ILE C 429 6.08 28.46 -11.73
C ILE C 429 6.57 28.48 -13.16
N GLY C 430 6.21 29.52 -13.90
CA GLY C 430 6.68 29.70 -15.26
C GLY C 430 7.91 30.59 -15.28
N VAL C 431 8.94 30.13 -15.98
CA VAL C 431 10.19 30.87 -16.12
C VAL C 431 10.31 31.28 -17.58
N TYR C 432 10.45 32.58 -17.82
CA TYR C 432 10.63 33.11 -19.17
C TYR C 432 11.81 34.08 -19.18
N ARG C 433 12.29 34.36 -20.39
CA ARG C 433 13.44 35.24 -20.59
C ARG C 433 12.97 36.63 -21.00
N ASP C 434 13.26 37.61 -20.16
CA ASP C 434 13.09 39.02 -20.52
C ASP C 434 14.35 39.45 -21.26
N GLN C 435 14.27 39.46 -22.59
CA GLN C 435 15.48 39.65 -23.39
C GLN C 435 16.01 41.08 -23.28
N GLU C 436 15.12 42.07 -23.25
CA GLU C 436 15.59 43.45 -23.19
C GLU C 436 16.26 43.75 -21.86
N ALA C 437 15.76 43.19 -20.77
CA ALA C 437 16.37 43.36 -19.45
C ALA C 437 17.45 42.33 -19.17
N ASN C 438 17.67 41.37 -20.06
CA ASN C 438 18.74 40.38 -19.92
C ASN C 438 18.63 39.65 -18.58
N THR C 439 17.49 38.99 -18.38
CA THR C 439 17.29 38.24 -17.16
C THR C 439 16.17 37.23 -17.34
N SER C 440 16.21 36.19 -16.52
CA SER C 440 15.07 35.31 -16.33
C SER C 440 14.05 35.98 -15.40
N ARG C 441 12.78 35.66 -15.62
CA ARG C 441 11.72 36.10 -14.72
C ARG C 441 10.79 34.93 -14.47
N THR C 442 10.00 35.03 -13.40
CA THR C 442 9.08 33.98 -13.02
C THR C 442 7.66 34.52 -12.93
N LEU C 443 6.71 33.62 -13.23
CA LEU C 443 5.29 33.87 -13.06
C LEU C 443 4.68 32.65 -12.36
N THR C 444 3.56 32.88 -11.69
CA THR C 444 2.86 31.82 -10.97
C THR C 444 1.43 31.71 -11.44
N LEU C 445 0.92 30.47 -11.43
CA LEU C 445 -0.48 30.19 -11.75
C LEU C 445 -0.97 29.11 -10.80
N ASP C 446 -2.09 29.38 -10.13
CA ASP C 446 -2.72 28.41 -9.24
C ASP C 446 -3.72 27.59 -10.04
N LEU C 447 -3.40 26.31 -10.27
CA LEU C 447 -4.25 25.46 -11.09
C LEU C 447 -5.40 24.85 -10.31
N ARG C 448 -5.42 24.98 -8.98
CA ARG C 448 -6.52 24.41 -8.20
C ARG C 448 -7.84 25.13 -8.48
N LYS C 449 -7.78 26.32 -9.08
CA LYS C 449 -8.99 27.06 -9.42
C LYS C 449 -9.70 26.50 -10.65
N TYR C 450 -9.00 25.71 -11.46
CA TYR C 450 -9.53 25.19 -12.70
C TYR C 450 -9.95 23.73 -12.53
N ARG C 451 -10.87 23.30 -13.39
CA ARG C 451 -11.49 21.99 -13.24
C ARG C 451 -10.76 20.94 -14.07
N HIS C 452 -11.03 19.67 -13.74
CA HIS C 452 -10.39 18.57 -14.42
C HIS C 452 -10.99 18.33 -15.79
N HIS C 453 -10.38 17.42 -16.53
CA HIS C 453 -10.77 17.11 -17.90
C HIS C 453 -12.13 16.44 -17.95
N LYS D 483 -0.93 24.99 -34.67
CA LYS D 483 -0.04 25.53 -33.66
C LYS D 483 -0.81 26.39 -32.68
N ALA D 484 -0.79 25.99 -31.40
CA ALA D 484 -1.54 26.73 -30.39
C ALA D 484 -0.94 28.12 -30.16
N ILE D 485 0.37 28.27 -30.35
CA ILE D 485 1.01 29.55 -30.07
C ILE D 485 0.63 30.59 -31.11
N VAL D 486 0.35 30.17 -32.34
CA VAL D 486 -0.10 31.10 -33.36
C VAL D 486 -1.48 31.65 -33.01
N GLN D 487 -2.35 30.80 -32.46
CA GLN D 487 -3.68 31.26 -32.06
C GLN D 487 -3.58 32.27 -30.93
N MET D 488 -2.73 32.02 -29.93
CA MET D 488 -2.56 32.96 -28.83
C MET D 488 -2.05 34.30 -29.34
N ALA D 489 -1.13 34.29 -30.31
CA ALA D 489 -0.63 35.53 -30.89
C ALA D 489 -1.75 36.30 -31.56
N LYS D 490 -2.65 35.61 -32.26
CA LYS D 490 -3.75 36.29 -32.94
C LYS D 490 -4.71 36.92 -31.93
N ILE D 491 -5.03 36.20 -30.85
CA ILE D 491 -5.89 36.77 -29.81
C ILE D 491 -5.24 38.01 -29.22
N LEU D 492 -3.94 37.95 -28.96
CA LEU D 492 -3.25 39.08 -28.34
C LEU D 492 -3.22 40.28 -29.27
N ARG D 493 -2.94 40.06 -30.55
CA ARG D 493 -2.95 41.16 -31.51
C ARG D 493 -4.31 41.87 -31.52
N LYS D 494 -5.40 41.09 -31.49
CA LYS D 494 -6.73 41.69 -31.45
C LYS D 494 -6.92 42.49 -30.16
N GLU D 495 -6.63 41.88 -29.02
CA GLU D 495 -6.90 42.53 -27.74
C GLU D 495 -5.96 43.72 -27.50
N LEU D 496 -4.73 43.66 -27.99
CA LEU D 496 -3.77 44.72 -27.74
C LEU D 496 -3.68 45.73 -28.87
N SER D 497 -4.48 45.58 -29.93
CA SER D 497 -4.56 46.63 -30.95
C SER D 497 -5.46 47.77 -30.51
N GLU D 498 -6.29 47.56 -29.48
CA GLU D 498 -7.12 48.60 -28.91
C GLU D 498 -6.61 49.05 -27.55
N GLU D 499 -6.58 48.17 -26.55
CA GLU D 499 -6.10 48.51 -25.22
C GLU D 499 -4.60 48.26 -25.12
N LYS D 500 -3.98 48.91 -24.14
CA LYS D 500 -2.56 48.76 -23.92
C LYS D 500 -2.21 47.57 -23.04
N GLU D 501 -3.17 47.04 -22.28
CA GLU D 501 -2.95 45.86 -21.46
C GLU D 501 -4.16 44.95 -21.50
N VAL D 502 -3.90 43.65 -21.42
CA VAL D 502 -4.94 42.63 -21.31
C VAL D 502 -4.53 41.65 -20.22
N ILE D 503 -5.51 41.16 -19.47
CA ILE D 503 -5.26 40.20 -18.39
C ILE D 503 -5.22 38.79 -18.97
N PHE D 504 -4.35 37.96 -18.40
CA PHE D 504 -4.16 36.60 -18.91
C PHE D 504 -5.47 35.83 -18.94
N THR D 505 -6.25 35.90 -17.86
CA THR D 505 -7.47 35.10 -17.79
C THR D 505 -8.44 35.46 -18.89
N ASP D 506 -8.50 36.74 -19.27
CA ASP D 506 -9.34 37.13 -20.40
C ASP D 506 -8.87 36.48 -21.69
N VAL D 507 -7.55 36.53 -21.95
CA VAL D 507 -7.01 35.92 -23.16
C VAL D 507 -7.23 34.42 -23.13
N LEU D 508 -7.19 33.81 -21.94
CA LEU D 508 -7.43 32.38 -21.80
C LEU D 508 -8.88 32.03 -22.14
N LYS D 509 -9.81 32.76 -21.53
CA LYS D 509 -11.23 32.66 -21.87
C LYS D 509 -11.45 32.55 -23.38
N SER D 510 -10.78 33.40 -24.15
CA SER D 510 -11.01 33.44 -25.60
C SER D 510 -10.35 32.25 -26.30
N GLN D 511 -9.13 31.87 -25.89
CA GLN D 511 -8.50 30.72 -26.52
C GLN D 511 -9.24 29.43 -26.19
N ALA D 512 -9.86 29.36 -25.00
CA ALA D 512 -10.57 28.14 -24.59
C ALA D 512 -11.97 28.04 -25.17
N ASN D 513 -12.53 29.15 -25.66
CA ASN D 513 -13.84 29.14 -26.31
C ASN D 513 -14.96 28.78 -25.33
N THR D 514 -14.86 29.26 -24.10
CA THR D 514 -15.88 28.96 -23.10
C THR D 514 -15.75 29.94 -21.94
N GLU D 515 -16.71 29.86 -21.02
CA GLU D 515 -16.70 30.70 -19.83
C GLU D 515 -15.63 30.23 -18.86
N PRO D 516 -15.14 31.12 -18.00
CA PRO D 516 -14.06 30.73 -17.07
C PRO D 516 -14.42 29.54 -16.19
N GLU D 517 -15.68 29.44 -15.77
CA GLU D 517 -16.10 28.35 -14.88
C GLU D 517 -15.87 26.98 -15.48
N ASN D 518 -15.62 26.89 -16.79
CA ASN D 518 -15.41 25.62 -17.46
C ASN D 518 -14.00 25.44 -18.00
N ILE D 519 -13.11 26.42 -17.80
CA ILE D 519 -11.74 26.28 -18.26
C ILE D 519 -11.06 25.18 -17.46
N THR D 520 -10.39 24.28 -18.15
CA THR D 520 -9.76 23.13 -17.51
C THR D 520 -8.32 23.45 -17.15
N LYS D 521 -7.77 22.66 -16.21
CA LYS D 521 -6.37 22.80 -15.85
C LYS D 521 -5.48 22.69 -17.09
N ARG D 522 -5.81 21.77 -18.00
CA ARG D 522 -4.98 21.58 -19.19
C ARG D 522 -5.00 22.82 -20.07
N GLU D 523 -6.17 23.46 -20.22
CA GLU D 523 -6.25 24.66 -21.04
C GLU D 523 -5.51 25.81 -20.38
N ALA D 524 -5.68 25.98 -19.07
CA ALA D 524 -4.96 27.03 -18.35
C ALA D 524 -3.46 26.84 -18.47
N SER D 525 -2.98 25.61 -18.35
CA SER D 525 -1.55 25.35 -18.44
C SER D 525 -1.03 25.60 -19.86
N ARG D 526 -1.79 25.18 -20.87
CA ARG D 526 -1.36 25.38 -22.25
C ARG D 526 -1.28 26.87 -22.59
N GLY D 527 -2.29 27.64 -22.19
CA GLY D 527 -2.22 29.07 -22.40
C GLY D 527 -1.09 29.73 -21.63
N PHE D 528 -0.87 29.28 -20.39
CA PHE D 528 0.20 29.82 -19.56
C PHE D 528 1.55 29.60 -20.21
N PHE D 529 1.81 28.39 -20.68
CA PHE D 529 3.09 28.12 -21.34
C PHE D 529 3.22 28.91 -22.64
N ASP D 530 2.11 29.11 -23.35
CA ASP D 530 2.16 29.86 -24.60
C ASP D 530 2.62 31.30 -24.37
N ILE D 531 2.11 31.95 -23.32
CA ILE D 531 2.53 33.34 -23.08
C ILE D 531 3.98 33.37 -22.60
N LEU D 532 4.44 32.34 -21.90
CA LEU D 532 5.85 32.25 -21.56
C LEU D 532 6.70 32.22 -22.82
N SER D 533 6.27 31.45 -23.83
CA SER D 533 7.02 31.38 -25.08
C SER D 533 7.04 32.73 -25.78
N LEU D 534 5.87 33.37 -25.91
CA LEU D 534 5.80 34.64 -26.62
C LEU D 534 6.62 35.72 -25.92
N ALA D 535 6.64 35.71 -24.58
CA ALA D 535 7.49 36.64 -23.85
C ALA D 535 8.97 36.33 -24.09
N THR D 536 9.34 35.06 -24.13
CA THR D 536 10.73 34.69 -24.39
C THR D 536 11.16 35.10 -25.78
N GLU D 537 10.24 35.07 -26.74
CA GLU D 537 10.50 35.51 -28.10
C GLU D 537 10.47 37.03 -28.26
N GLY D 538 10.18 37.77 -27.20
CA GLY D 538 10.19 39.22 -27.26
C GLY D 538 8.96 39.85 -27.86
N CYS D 539 7.85 39.11 -27.95
CA CYS D 539 6.64 39.64 -28.55
C CYS D 539 5.75 40.39 -27.55
N ILE D 540 5.81 40.01 -26.27
CA ILE D 540 4.98 40.61 -25.23
C ILE D 540 5.80 40.81 -23.98
N GLY D 541 5.30 41.67 -23.10
CA GLY D 541 5.82 41.82 -21.75
C GLY D 541 4.79 41.33 -20.76
N LEU D 542 5.27 40.87 -19.61
CA LEU D 542 4.41 40.29 -18.58
C LEU D 542 4.70 40.95 -17.25
N SER D 543 3.65 41.15 -16.45
CA SER D 543 3.77 41.77 -15.15
C SER D 543 2.78 41.10 -14.20
N GLN D 544 3.30 40.52 -13.12
CA GLN D 544 2.49 39.92 -12.06
C GLN D 544 3.06 40.43 -10.75
N THR D 545 2.33 41.32 -10.09
CA THR D 545 2.85 42.01 -8.92
C THR D 545 2.34 41.44 -7.61
N GLU D 546 1.32 40.59 -7.64
CA GLU D 546 0.82 39.89 -6.46
C GLU D 546 1.03 38.39 -6.62
N ALA D 547 1.17 37.69 -5.51
CA ALA D 547 1.38 36.25 -5.54
C ALA D 547 0.14 35.55 -6.05
N PHE D 548 0.30 34.73 -7.09
CA PHE D 548 -0.81 34.08 -7.79
C PHE D 548 -1.84 35.11 -8.25
N GLY D 549 -1.39 36.34 -8.50
CA GLY D 549 -2.29 37.40 -8.92
C GLY D 549 -2.46 37.46 -10.43
N ASN D 550 -3.29 38.41 -10.86
CA ASN D 550 -3.50 38.66 -12.28
C ASN D 550 -2.16 38.82 -12.99
N ILE D 551 -2.12 38.36 -14.23
CA ILE D 551 -0.96 38.53 -15.10
C ILE D 551 -1.35 39.52 -16.19
N LYS D 552 -0.67 40.67 -16.20
CA LYS D 552 -0.96 41.75 -17.13
C LYS D 552 -0.02 41.66 -18.32
N ILE D 553 -0.58 41.77 -19.53
CA ILE D 553 0.15 41.53 -20.76
C ILE D 553 0.13 42.81 -21.59
N ASP D 554 1.28 43.22 -22.09
CA ASP D 554 1.38 44.35 -23.01
C ASP D 554 2.15 43.92 -24.24
N ALA D 555 2.01 44.70 -25.31
CA ALA D 555 2.57 44.34 -26.60
C ALA D 555 3.94 44.97 -26.81
N LYS D 556 4.84 44.18 -27.44
CA LYS D 556 6.07 44.67 -28.05
C LYS D 556 5.87 44.76 -29.56
N PRO D 557 6.63 45.62 -30.26
CA PRO D 557 6.44 45.72 -31.72
C PRO D 557 6.47 44.38 -32.44
N ALA D 558 7.25 43.42 -31.95
CA ALA D 558 7.41 42.15 -32.64
C ALA D 558 6.16 41.28 -32.58
N LEU D 559 5.18 41.59 -31.73
CA LEU D 559 3.95 40.80 -31.71
C LEU D 559 3.21 40.90 -33.05
N PHE D 560 3.33 42.03 -33.73
CA PHE D 560 2.63 42.27 -34.99
C PHE D 560 3.48 41.92 -36.20
N GLU D 561 4.65 41.33 -36.00
CA GLU D 561 5.53 40.93 -37.08
C GLU D 561 5.82 39.42 -37.08
N ARG D 562 5.44 38.70 -36.03
CA ARG D 562 5.78 37.30 -35.87
C ARG D 562 4.53 36.47 -35.63
N PHE D 563 4.67 35.16 -35.81
CA PHE D 563 3.59 34.20 -35.57
C PHE D 563 2.32 34.63 -36.29
N ILE D 564 2.48 34.99 -37.56
CA ILE D 564 1.38 35.45 -38.39
C ILE D 564 0.98 34.32 -39.35
#